data_4ZW3
#
_entry.id   4ZW3
#
_cell.length_a   75.230
_cell.length_b   109.340
_cell.length_c   117.700
_cell.angle_alpha   90.000
_cell.angle_beta   90.000
_cell.angle_gamma   90.000
#
_symmetry.space_group_name_H-M   'P 21 21 21'
#
loop_
_entity.id
_entity.type
_entity.pdbx_description
1 polymer 'M1 family aminopeptidase'
2 non-polymer 'tert-butyl [(1S)-1-(4-bromophenyl)-2-(hydroxyamino)-2-oxoethyl]carbamate'
3 non-polymer 'ZINC ION'
4 non-polymer GLYCEROL
5 non-polymer 'MAGNESIUM ION'
6 non-polymer 'PHOSPHATE ION'
7 water water
#
_entity_poly.entity_id   1
_entity_poly.type   'polypeptide(L)'
_entity_poly.pdbx_seq_one_letter_code
;EPKIHYRKDYKPSGFIINQVTLNINIHDQETIVRSVLDMDISKHNVGEDLVFDGVGLKINEISINNKKLVEGEEYTYDNE
FLTIFSKFVPKSKFAFSSEVIIHPETNYALTGLYKSKNIIVSQCEATGFRRITFFIDRPDMMAKYDVTVTADKEKYPVLL
SNGDKVNEFEIPGGRHGARFNDPPLKPCYLFAVVAGDLKHLSATYITKYTKKKVELYVFSEEKYVSKLQWALECLKKSMA
FDEDYFGLEYDLSRLNLVAVSDFNVGAMENKGLNIFNANSLLASKKNSIDFSYARILTVVGHEYFHQYTGNRVTLRDWFQ
LTLKEGLTVHRENLFSEEMTKTVTTRLSHVDLLRSVQFLEDSSPLSHPIRPESYVSMENFYTTTVYDKGSEVMRMYLTIL
GEEYYKKGFDIYIKKNDGNTATCEDFNYAMEQAYKMKKADNSANLNQYLLWFSQSGTPHVSFKYNYDAEKKQYSIHVNQY
TKPDENQKEKKPLFIPISVGLINPENGKEMISQTTLELTKESDTFVFNNIAVKPIPSLFRGFSAPVYIEDQLTDEERILL
LKYDSDAFVRYNSCTNIYMKQILMNYNEFLKAKNEKLESFQLTPVNAQFIDAIKYLLEDPHADAGFKSYIVSLPQDRYII
NFVSNLDTDVLADTKEYIYKQIGDKLNDVYYKMFKSLEAKADDLTYFNDESHVDFDQMNMRTLRNTLLSLLSKAQYPNIL
NEIIEHSKSPYPSNWLTSLSVSAYFDKYFELYDKTYKLSKDDELLLQEWLKTVSRSDRKDIYEILKKLENEVLKDSKNPN
DIRAVYLPFTNNLRRFHDISGKGYKLIAEVITKTDKFNPMVATQLCEPFKLWNKLDTKRQELMLNEMNTMLQEPQISNNL
KEYLLRLTNK
;
_entity_poly.pdbx_strand_id   A
#
loop_
_chem_comp.id
_chem_comp.type
_chem_comp.name
_chem_comp.formula
4S9 non-polymer 'tert-butyl [(1S)-1-(4-bromophenyl)-2-(hydroxyamino)-2-oxoethyl]carbamate' 'C13 H17 Br N2 O4'
GOL non-polymer GLYCEROL 'C3 H8 O3'
MG non-polymer 'MAGNESIUM ION' 'Mg 2'
PO4 non-polymer 'PHOSPHATE ION' 'O4 P -3'
ZN non-polymer 'ZINC ION' 'Zn 2'
#
# COMPACT_ATOMS: atom_id res chain seq x y z
N PRO A 2 -11.45 19.34 19.08
CA PRO A 2 -10.72 18.65 17.99
C PRO A 2 -10.15 19.64 16.98
N LYS A 3 -8.84 19.87 17.01
CA LYS A 3 -8.26 20.90 16.14
C LYS A 3 -8.01 20.40 14.72
N ILE A 4 -8.44 21.20 13.76
CA ILE A 4 -8.27 20.89 12.35
C ILE A 4 -7.14 21.73 11.76
N HIS A 5 -6.18 21.06 11.14
CA HIS A 5 -5.07 21.75 10.49
C HIS A 5 -5.42 21.97 9.02
N TYR A 6 -5.20 23.19 8.56
CA TYR A 6 -5.52 23.55 7.17
C TYR A 6 -4.28 23.81 6.34
N ARG A 7 -4.25 23.26 5.13
CA ARG A 7 -3.10 23.41 4.25
C ARG A 7 -2.75 24.87 4.00
N LYS A 8 -3.78 25.71 3.83
CA LYS A 8 -3.54 27.11 3.48
C LYS A 8 -2.96 27.90 4.65
N ASP A 9 -3.02 27.33 5.86
CA ASP A 9 -2.57 28.04 7.05
C ASP A 9 -1.10 27.84 7.37
N TYR A 10 -0.36 27.20 6.47
CA TYR A 10 1.05 26.94 6.74
C TYR A 10 1.83 28.22 7.04
N LYS A 11 2.50 28.22 8.18
CA LYS A 11 3.40 29.32 8.54
C LYS A 11 4.68 28.74 9.16
N PRO A 12 5.85 29.27 8.74
CA PRO A 12 7.09 28.83 9.37
C PRO A 12 7.10 29.12 10.88
N SER A 13 7.81 28.27 11.63
CA SER A 13 7.90 28.39 13.08
C SER A 13 8.62 29.67 13.51
N GLY A 14 8.22 30.22 14.66
CA GLY A 14 8.94 31.33 15.26
C GLY A 14 10.23 30.90 15.95
N PHE A 15 10.51 29.60 15.90
CA PHE A 15 11.72 29.08 16.53
C PHE A 15 12.55 28.25 15.58
N ILE A 16 13.80 28.04 15.97
CA ILE A 16 14.72 27.17 15.25
C ILE A 16 15.35 26.19 16.24
N ILE A 17 15.48 24.93 15.81
CA ILE A 17 16.22 23.94 16.58
C ILE A 17 17.45 23.52 15.75
N ASN A 18 18.63 23.91 16.21
CA ASN A 18 19.84 23.64 15.44
C ASN A 18 20.49 22.32 15.79
N GLN A 19 20.43 21.95 17.06
CA GLN A 19 21.15 20.78 17.52
C GLN A 19 20.31 20.02 18.53
N VAL A 20 20.24 18.71 18.35
CA VAL A 20 19.60 17.82 19.31
C VAL A 20 20.67 16.92 19.91
N THR A 21 20.81 16.92 21.24
CA THR A 21 21.70 15.96 21.88
C THR A 21 20.90 15.08 22.83
N LEU A 22 20.78 13.80 22.48
CA LEU A 22 19.94 12.87 23.22
C LEU A 22 20.73 11.86 24.02
N ASN A 23 20.22 11.54 25.20
CA ASN A 23 20.71 10.41 25.97
C ASN A 23 19.51 9.54 26.31
N ILE A 24 19.49 8.34 25.73
CA ILE A 24 18.39 7.43 25.93
C ILE A 24 18.85 6.22 26.78
N ASN A 25 18.45 6.23 28.05
CA ASN A 25 18.87 5.21 29.00
C ASN A 25 17.75 4.21 29.25
N ILE A 26 17.90 3.02 28.69
CA ILE A 26 16.88 1.98 28.79
C ILE A 26 17.05 1.13 30.03
N HIS A 27 16.03 1.08 30.88
CA HIS A 27 16.08 0.24 32.08
C HIS A 27 14.92 -0.74 32.08
N ASP A 28 14.88 -1.63 33.06
CA ASP A 28 13.92 -2.73 33.06
C ASP A 28 12.47 -2.26 33.02
N GLN A 29 12.13 -1.29 33.87
CA GLN A 29 10.74 -0.88 34.00
C GLN A 29 10.45 0.50 33.42
N GLU A 30 11.48 1.17 32.91
CA GLU A 30 11.31 2.53 32.38
C GLU A 30 12.48 2.93 31.49
N THR A 31 12.25 3.92 30.63
CA THR A 31 13.34 4.50 29.85
C THR A 31 13.44 5.98 30.14
N ILE A 32 14.63 6.41 30.54
CA ILE A 32 14.87 7.81 30.83
C ILE A 32 15.48 8.51 29.62
N VAL A 33 14.87 9.61 29.20
CA VAL A 33 15.37 10.35 28.05
C VAL A 33 15.79 11.74 28.44
N ARG A 34 17.08 12.03 28.33
CA ARG A 34 17.59 13.39 28.54
C ARG A 34 17.89 14.05 27.21
N SER A 35 17.45 15.29 27.05
CA SER A 35 17.58 15.97 25.77
C SER A 35 17.99 17.41 25.96
N VAL A 36 19.01 17.82 25.23
CA VAL A 36 19.38 19.23 25.15
C VAL A 36 19.15 19.70 23.72
N LEU A 37 18.34 20.75 23.58
CA LEU A 37 18.08 21.34 22.28
C LEU A 37 18.77 22.70 22.20
N ASP A 38 19.68 22.84 21.23
CA ASP A 38 20.29 24.14 20.99
C ASP A 38 19.40 24.90 20.03
N MET A 39 18.78 25.94 20.54
CA MET A 39 17.72 26.61 19.81
C MET A 39 18.04 28.05 19.50
N ASP A 40 17.19 28.64 18.66
CA ASP A 40 17.28 30.03 18.31
C ASP A 40 15.89 30.59 18.03
N ILE A 41 15.84 31.91 17.90
CA ILE A 41 14.64 32.64 17.52
C ILE A 41 14.66 32.89 16.02
N SER A 42 13.57 32.55 15.32
CA SER A 42 13.53 32.75 13.87
C SER A 42 13.01 34.14 13.53
N LYS A 43 13.09 34.49 12.25
CA LYS A 43 12.69 35.83 11.81
C LYS A 43 11.18 36.00 11.83
N HIS A 44 10.46 34.88 11.93
CA HIS A 44 9.01 34.91 11.94
C HIS A 44 8.46 35.04 13.36
N ASN A 45 9.36 35.01 14.33
CA ASN A 45 8.96 35.11 15.73
C ASN A 45 8.30 36.45 16.03
N VAL A 46 7.22 36.40 16.82
CA VAL A 46 6.48 37.60 17.19
C VAL A 46 6.28 37.65 18.71
N GLY A 47 7.25 37.10 19.44
CA GLY A 47 7.24 37.13 20.89
C GLY A 47 6.23 36.17 21.50
N GLU A 48 5.96 35.07 20.79
CA GLU A 48 4.98 34.10 21.26
C GLU A 48 5.54 33.15 22.32
N ASP A 49 4.65 32.45 23.01
CA ASP A 49 5.04 31.38 23.92
C ASP A 49 5.82 30.33 23.15
N LEU A 50 6.77 29.69 23.82
CA LEU A 50 7.47 28.54 23.25
C LEU A 50 6.69 27.26 23.54
N VAL A 51 6.06 26.70 22.52
CA VAL A 51 5.24 25.52 22.71
C VAL A 51 5.86 24.30 22.04
N PHE A 52 6.17 23.28 22.86
CA PHE A 52 6.65 21.99 22.34
C PHE A 52 5.55 20.94 22.33
N ASP A 53 5.63 20.04 21.36
CA ASP A 53 4.85 18.81 21.41
C ASP A 53 5.50 17.87 22.39
N GLY A 54 4.70 17.15 23.15
CA GLY A 54 5.22 16.13 24.04
C GLY A 54 4.05 15.34 24.55
N VAL A 55 3.91 14.11 24.09
CA VAL A 55 2.74 13.31 24.40
C VAL A 55 3.08 12.15 25.33
N GLY A 56 2.42 12.14 26.48
CA GLY A 56 2.55 11.04 27.42
C GLY A 56 3.90 11.03 28.11
N LEU A 57 4.53 12.20 28.23
CA LEU A 57 5.84 12.27 28.87
C LEU A 57 5.69 12.52 30.36
N LYS A 58 6.52 11.87 31.15
CA LYS A 58 6.60 12.13 32.59
C LYS A 58 7.79 13.04 32.83
N ILE A 59 7.54 14.28 33.22
CA ILE A 59 8.62 15.24 33.41
C ILE A 59 9.34 15.03 34.74
N ASN A 60 10.66 14.86 34.65
CA ASN A 60 11.51 14.92 35.83
C ASN A 60 11.96 16.36 36.06
N GLU A 61 12.48 16.98 35.01
CA GLU A 61 12.85 18.39 35.07
C GLU A 61 12.95 18.96 33.67
N ILE A 62 12.71 20.26 33.55
CA ILE A 62 12.98 20.96 32.30
C ILE A 62 13.73 22.25 32.65
N SER A 63 14.53 22.73 31.69
CA SER A 63 15.37 23.88 31.95
C SER A 63 15.53 24.77 30.72
N ILE A 64 15.79 26.05 30.96
CA ILE A 64 16.28 26.93 29.90
C ILE A 64 17.60 27.52 30.35
N ASN A 65 18.65 27.30 29.56
CA ASN A 65 20.01 27.73 29.89
C ASN A 65 20.47 27.23 31.27
N ASN A 66 20.27 25.93 31.51
CA ASN A 66 20.73 25.24 32.73
C ASN A 66 20.09 25.73 34.02
N LYS A 67 18.97 26.44 33.89
CA LYS A 67 18.17 26.85 35.03
C LYS A 67 16.79 26.18 35.02
N LYS A 68 16.43 25.51 36.11
CA LYS A 68 15.16 24.79 36.20
C LYS A 68 13.95 25.71 36.05
N LEU A 69 12.99 25.29 35.23
CA LEU A 69 11.73 26.01 35.13
C LEU A 69 10.77 25.49 36.20
N VAL A 70 9.86 26.34 36.66
CA VAL A 70 8.91 25.91 37.69
C VAL A 70 7.52 25.76 37.08
N GLU A 71 6.91 24.61 37.38
CA GLU A 71 5.59 24.31 36.85
C GLU A 71 4.53 25.31 37.31
N GLY A 72 3.71 25.77 36.39
CA GLY A 72 2.62 26.67 36.71
C GLY A 72 2.96 28.14 36.59
N GLU A 73 4.12 28.52 37.12
CA GLU A 73 4.55 29.92 37.05
C GLU A 73 5.23 30.24 35.72
N GLU A 74 6.01 29.29 35.21
CA GLU A 74 6.81 29.52 34.01
C GLU A 74 6.45 28.58 32.88
N TYR A 75 5.75 27.49 33.20
CA TYR A 75 5.30 26.59 32.15
C TYR A 75 4.09 25.78 32.58
N THR A 76 3.36 25.29 31.58
CA THR A 76 2.25 24.37 31.79
C THR A 76 2.47 23.15 30.89
N TYR A 77 2.03 21.99 31.36
CA TYR A 77 2.08 20.78 30.55
C TYR A 77 0.80 19.97 30.75
N ASP A 78 0.15 19.63 29.64
CA ASP A 78 -1.16 18.99 29.72
C ASP A 78 -1.15 17.60 29.09
N ASN A 79 0.05 17.00 29.03
CA ASN A 79 0.30 15.67 28.46
C ASN A 79 0.25 15.66 26.93
N GLU A 80 0.15 16.84 26.34
CA GLU A 80 0.13 16.97 24.89
C GLU A 80 1.01 18.13 24.41
N PHE A 81 0.95 19.25 25.13
CA PHE A 81 1.76 20.42 24.81
C PHE A 81 2.45 20.97 26.05
N LEU A 82 3.74 21.22 25.92
CA LEU A 82 4.51 21.92 26.92
C LEU A 82 4.55 23.40 26.52
N THR A 83 4.01 24.27 27.36
CA THR A 83 3.96 25.69 27.04
C THR A 83 4.85 26.48 27.98
N ILE A 84 5.87 27.12 27.44
CA ILE A 84 6.73 28.01 28.21
C ILE A 84 6.36 29.45 27.87
N PHE A 85 5.92 30.21 28.86
CA PHE A 85 5.43 31.56 28.64
C PHE A 85 6.53 32.48 28.12
N SER A 86 6.20 33.32 27.14
CA SER A 86 7.21 34.06 26.39
C SER A 86 8.13 34.96 27.23
N LYS A 87 7.69 35.35 28.42
CA LYS A 87 8.51 36.21 29.25
C LYS A 87 9.71 35.44 29.80
N PHE A 88 9.64 34.12 29.76
CA PHE A 88 10.75 33.28 30.21
C PHE A 88 11.47 32.65 29.03
N VAL A 89 11.09 33.05 27.83
CA VAL A 89 11.76 32.59 26.63
C VAL A 89 12.81 33.62 26.21
N PRO A 90 14.08 33.21 26.10
CA PRO A 90 15.18 34.07 25.66
C PRO A 90 14.94 34.63 24.26
N LYS A 91 15.58 35.74 23.92
CA LYS A 91 15.37 36.39 22.63
C LYS A 91 16.54 36.19 21.67
N SER A 92 17.56 35.46 22.12
CA SER A 92 18.66 35.04 21.27
C SER A 92 18.87 33.54 21.43
N LYS A 93 19.99 33.04 20.93
CA LYS A 93 20.32 31.62 21.04
C LYS A 93 20.26 31.13 22.48
N PHE A 94 19.60 30.00 22.69
CA PHE A 94 19.49 29.44 24.04
C PHE A 94 19.46 27.92 24.01
N ALA A 95 19.53 27.32 25.19
CA ALA A 95 19.49 25.87 25.29
C ALA A 95 18.28 25.43 26.12
N PHE A 96 17.45 24.58 25.54
CA PHE A 96 16.39 23.95 26.29
C PHE A 96 16.79 22.53 26.64
N SER A 97 16.61 22.14 27.90
CA SER A 97 16.92 20.77 28.29
C SER A 97 15.78 20.16 29.07
N SER A 98 15.66 18.84 29.01
CA SER A 98 14.60 18.13 29.73
C SER A 98 15.04 16.72 30.03
N GLU A 99 14.45 16.15 31.07
CA GLU A 99 14.59 14.74 31.34
C GLU A 99 13.20 14.17 31.56
N VAL A 100 12.83 13.19 30.75
CA VAL A 100 11.52 12.61 30.87
C VAL A 100 11.61 11.10 31.02
N ILE A 101 10.54 10.52 31.55
CA ILE A 101 10.46 9.08 31.66
C ILE A 101 9.36 8.60 30.72
N ILE A 102 9.68 7.58 29.92
CA ILE A 102 8.72 6.91 29.06
C ILE A 102 8.82 5.40 29.32
N HIS A 103 7.90 4.64 28.74
CA HIS A 103 7.76 3.22 29.07
C HIS A 103 7.52 2.35 27.84
N PRO A 104 8.59 2.02 27.11
CA PRO A 104 8.47 1.27 25.85
C PRO A 104 7.80 -0.09 26.03
N GLU A 105 7.96 -0.69 27.21
CA GLU A 105 7.44 -2.04 27.48
C GLU A 105 5.92 -2.10 27.38
N THR A 106 5.24 -1.04 27.78
CA THR A 106 3.78 -1.04 27.75
C THR A 106 3.22 -0.18 26.61
N ASN A 107 4.09 0.20 25.67
CA ASN A 107 3.66 1.00 24.55
C ASN A 107 3.17 0.08 23.43
N TYR A 108 1.88 -0.25 23.47
CA TYR A 108 1.31 -1.18 22.48
C TYR A 108 0.76 -0.49 21.25
N ALA A 109 0.85 0.83 21.22
CA ALA A 109 0.42 1.59 20.06
C ALA A 109 1.50 1.56 18.96
N LEU A 110 2.71 1.16 19.33
CA LEU A 110 3.81 0.98 18.38
C LEU A 110 4.13 2.29 17.66
N THR A 111 4.02 3.38 18.41
CA THR A 111 4.46 4.68 17.94
CA THR A 111 4.43 4.69 17.94
C THR A 111 5.27 5.33 19.06
N GLY A 112 6.34 6.02 18.69
CA GLY A 112 7.27 6.49 19.70
C GLY A 112 8.28 5.39 19.96
N LEU A 113 8.70 5.20 21.20
CA LEU A 113 9.65 4.14 21.52
C LEU A 113 8.89 2.97 22.12
N TYR A 114 9.09 1.78 21.57
CA TYR A 114 8.35 0.65 22.07
C TYR A 114 9.13 -0.65 22.01
N LYS A 115 8.60 -1.65 22.70
CA LYS A 115 9.26 -2.94 22.77
C LYS A 115 8.50 -3.90 21.88
N SER A 116 9.19 -4.48 20.92
CA SER A 116 8.63 -5.53 20.08
C SER A 116 9.33 -6.83 20.44
N LYS A 117 8.63 -7.69 21.16
CA LYS A 117 9.21 -8.93 21.66
C LYS A 117 10.42 -8.55 22.52
N ASN A 118 11.65 -8.87 22.08
CA ASN A 118 12.82 -8.52 22.89
C ASN A 118 13.65 -7.38 22.29
N ILE A 119 13.07 -6.66 21.35
CA ILE A 119 13.76 -5.57 20.68
C ILE A 119 13.12 -4.22 21.03
N ILE A 120 13.94 -3.25 21.41
CA ILE A 120 13.46 -1.89 21.59
C ILE A 120 13.61 -1.18 20.27
N VAL A 121 12.55 -0.52 19.81
CA VAL A 121 12.59 0.12 18.51
C VAL A 121 11.73 1.38 18.52
N SER A 122 12.05 2.34 17.67
CA SER A 122 11.24 3.55 17.54
C SER A 122 10.45 3.59 16.24
N GLN A 123 9.34 4.32 16.25
CA GLN A 123 8.62 4.67 15.02
C GLN A 123 8.17 6.11 15.19
N CYS A 124 8.72 7.02 14.38
CA CYS A 124 8.46 8.44 14.62
C CYS A 124 7.56 9.12 13.58
N GLU A 125 7.47 8.58 12.37
CA GLU A 125 6.54 9.16 11.41
C GLU A 125 5.11 8.75 11.79
N ALA A 126 4.16 9.70 11.80
CA ALA A 126 4.44 11.11 11.52
C ALA A 126 4.63 11.93 12.78
N THR A 127 3.98 11.54 13.86
CA THR A 127 4.00 12.32 15.10
C THR A 127 4.50 11.51 16.30
N GLY A 128 5.46 10.61 16.06
CA GLY A 128 5.95 9.76 17.13
C GLY A 128 7.12 10.32 17.94
N PHE A 129 7.90 11.23 17.35
CA PHE A 129 9.09 11.73 18.08
C PHE A 129 8.65 12.46 19.38
N ARG A 130 7.49 13.13 19.34
CA ARG A 130 6.98 13.82 20.52
C ARG A 130 6.57 12.85 21.64
N ARG A 131 6.50 11.55 21.33
CA ARG A 131 6.26 10.54 22.37
C ARG A 131 7.54 10.07 23.03
N ILE A 132 8.68 10.59 22.56
CA ILE A 132 9.99 10.21 23.09
C ILE A 132 10.58 11.37 23.90
N THR A 133 10.44 12.57 23.37
CA THR A 133 10.93 13.76 24.05
C THR A 133 10.22 14.99 23.48
N PHE A 134 10.37 16.13 24.16
CA PHE A 134 9.74 17.36 23.68
C PHE A 134 10.39 17.85 22.40
N PHE A 135 9.57 18.28 21.46
CA PHE A 135 10.09 18.82 20.21
C PHE A 135 9.05 19.71 19.54
N ILE A 136 9.51 20.52 18.61
CA ILE A 136 8.58 21.15 17.68
C ILE A 136 8.43 20.15 16.54
N ASP A 137 7.49 19.23 16.72
CA ASP A 137 7.41 17.98 15.97
C ASP A 137 6.71 18.17 14.64
N ARG A 138 7.44 18.75 13.68
CA ARG A 138 6.93 19.01 12.34
C ARG A 138 8.11 18.90 11.37
N PRO A 139 7.84 18.53 10.12
CA PRO A 139 8.97 18.12 9.27
C PRO A 139 9.82 19.27 8.72
N ASP A 140 9.43 20.52 8.91
CA ASP A 140 10.27 21.63 8.47
C ASP A 140 11.26 22.08 9.55
N MET A 141 11.22 21.44 10.72
CA MET A 141 12.20 21.75 11.76
C MET A 141 13.44 20.86 11.62
N MET A 142 14.39 21.29 10.80
CA MET A 142 15.61 20.51 10.53
C MET A 142 16.69 20.74 11.57
N ALA A 143 17.32 19.66 12.04
CA ALA A 143 18.34 19.77 13.09
C ALA A 143 19.43 18.72 12.95
N LYS A 144 20.56 18.95 13.61
CA LYS A 144 21.62 17.95 13.74
C LYS A 144 21.33 17.07 14.95
N TYR A 145 21.71 15.79 14.88
CA TYR A 145 21.45 14.86 15.97
C TYR A 145 22.71 14.19 16.50
N ASP A 146 22.86 14.24 17.81
CA ASP A 146 23.93 13.54 18.52
C ASP A 146 23.23 12.66 19.55
N VAL A 147 23.29 11.35 19.39
CA VAL A 147 22.45 10.45 20.17
C VAL A 147 23.23 9.38 20.92
N THR A 148 23.04 9.31 22.24
CA THR A 148 23.63 8.24 23.02
C THR A 148 22.55 7.32 23.57
N VAL A 149 22.77 6.03 23.40
CA VAL A 149 21.87 5.02 23.91
C VAL A 149 22.61 4.12 24.90
N THR A 150 22.00 3.85 26.04
CA THR A 150 22.60 2.89 26.97
C THR A 150 21.57 1.84 27.38
N ALA A 151 22.05 0.65 27.75
CA ALA A 151 21.17 -0.47 28.03
C ALA A 151 21.93 -1.62 28.67
N ASP A 152 21.19 -2.61 29.18
CA ASP A 152 21.79 -3.83 29.68
C ASP A 152 22.47 -4.56 28.51
N LYS A 153 23.73 -4.94 28.70
CA LYS A 153 24.52 -5.45 27.58
C LYS A 153 24.08 -6.85 27.16
N GLU A 154 23.76 -7.70 28.15
CA GLU A 154 23.24 -9.03 27.87
C GLU A 154 21.94 -9.00 27.07
N LYS A 155 20.99 -8.17 27.51
CA LYS A 155 19.70 -8.07 26.82
C LYS A 155 19.77 -7.31 25.49
N TYR A 156 20.60 -6.26 25.44
CA TYR A 156 20.66 -5.38 24.27
C TYR A 156 22.08 -5.12 23.76
N PRO A 157 22.75 -6.15 23.22
CA PRO A 157 24.14 -6.00 22.81
C PRO A 157 24.29 -5.16 21.55
N VAL A 158 23.25 -5.08 20.75
CA VAL A 158 23.32 -4.31 19.52
C VAL A 158 22.53 -3.02 19.69
N LEU A 159 23.23 -1.90 19.57
CA LEU A 159 22.64 -0.57 19.69
C LEU A 159 22.80 0.15 18.37
N LEU A 160 21.69 0.65 17.82
CA LEU A 160 21.74 1.38 16.55
C LEU A 160 20.97 2.70 16.62
N SER A 161 21.49 3.71 15.91
CA SER A 161 20.76 4.94 15.66
C SER A 161 21.27 5.53 14.35
N ASN A 162 20.73 6.67 13.92
CA ASN A 162 21.19 7.30 12.67
C ASN A 162 22.63 7.80 12.77
N GLY A 163 23.32 7.80 11.64
CA GLY A 163 24.65 8.39 11.57
C GLY A 163 25.78 7.43 11.87
N ASP A 164 26.92 7.99 12.24
CA ASP A 164 28.09 7.18 12.51
C ASP A 164 28.17 6.87 13.99
N LYS A 165 28.48 5.62 14.32
CA LYS A 165 28.76 5.27 15.70
C LYS A 165 30.17 5.76 16.03
N VAL A 166 30.26 6.73 16.94
CA VAL A 166 31.55 7.37 17.21
C VAL A 166 32.14 6.95 18.54
N ASN A 167 31.36 6.22 19.33
CA ASN A 167 31.86 5.71 20.59
C ASN A 167 31.06 4.53 21.12
N GLU A 168 31.77 3.59 21.74
CA GLU A 168 31.18 2.47 22.44
C GLU A 168 31.85 2.41 23.81
N PHE A 169 31.08 2.13 24.86
CA PHE A 169 31.68 2.14 26.19
C PHE A 169 30.92 1.27 27.18
N GLU A 170 31.67 0.76 28.17
CA GLU A 170 31.11 -0.05 29.22
C GLU A 170 30.58 0.83 30.35
N ILE A 171 29.58 0.32 31.07
CA ILE A 171 28.92 1.05 32.15
C ILE A 171 28.71 0.13 33.34
N PRO A 172 29.08 0.59 34.55
CA PRO A 172 28.84 -0.18 35.78
C PRO A 172 27.46 -0.81 35.87
N GLY A 173 27.40 -2.05 36.32
CA GLY A 173 26.14 -2.74 36.50
C GLY A 173 25.72 -3.58 35.31
N GLY A 174 26.69 -3.93 34.46
CA GLY A 174 26.41 -4.79 33.32
C GLY A 174 25.75 -4.06 32.15
N ARG A 175 26.00 -2.76 32.05
CA ARG A 175 25.41 -1.94 31.00
C ARG A 175 26.46 -1.50 30.00
N HIS A 176 26.02 -0.98 28.86
CA HIS A 176 26.96 -0.42 27.90
C HIS A 176 26.27 0.70 27.16
N GLY A 177 27.05 1.49 26.43
CA GLY A 177 26.47 2.61 25.70
C GLY A 177 27.11 2.77 24.34
N ALA A 178 26.39 3.42 23.43
CA ALA A 178 26.92 3.76 22.13
C ALA A 178 26.49 5.18 21.77
N ARG A 179 27.40 5.93 21.19
CA ARG A 179 27.10 7.28 20.75
C ARG A 179 27.11 7.38 19.23
N PHE A 180 26.07 8.01 18.69
CA PHE A 180 25.90 8.17 17.26
C PHE A 180 25.82 9.64 16.91
N ASN A 181 26.69 10.09 16.01
CA ASN A 181 26.61 11.47 15.56
C ASN A 181 26.19 11.52 14.11
N ASP A 182 25.14 12.30 13.84
CA ASP A 182 24.58 12.43 12.50
C ASP A 182 24.52 13.91 12.12
N PRO A 183 25.65 14.45 11.64
CA PRO A 183 25.73 15.88 11.34
C PRO A 183 24.76 16.44 10.29
N PRO A 184 24.44 15.70 9.21
CA PRO A 184 23.51 16.32 8.25
C PRO A 184 22.13 16.62 8.84
N LEU A 185 21.55 17.75 8.45
CA LEU A 185 20.21 18.10 8.96
C LEU A 185 19.17 17.07 8.57
N LYS A 186 18.23 16.82 9.47
CA LYS A 186 17.09 15.96 9.14
C LYS A 186 15.88 16.40 9.97
N PRO A 187 14.67 16.08 9.50
CA PRO A 187 13.46 16.23 10.30
C PRO A 187 13.37 15.13 11.35
N CYS A 188 12.63 15.37 12.42
CA CYS A 188 12.65 14.44 13.55
C CYS A 188 11.90 13.14 13.25
N TYR A 189 11.03 13.13 12.24
CA TYR A 189 10.31 11.89 11.96
C TYR A 189 11.26 10.84 11.35
N LEU A 190 12.48 11.24 10.98
CA LEU A 190 13.47 10.34 10.42
C LEU A 190 14.48 9.84 11.47
N PHE A 191 14.35 10.30 12.71
CA PHE A 191 15.13 9.76 13.82
C PHE A 191 14.73 8.31 14.07
N ALA A 192 15.70 7.48 14.42
CA ALA A 192 15.38 6.13 14.89
C ALA A 192 16.44 5.61 15.86
N VAL A 193 16.01 4.73 16.73
CA VAL A 193 16.91 3.99 17.60
C VAL A 193 16.44 2.54 17.67
N VAL A 194 17.40 1.61 17.75
CA VAL A 194 17.11 0.19 17.87
C VAL A 194 18.05 -0.43 18.89
N ALA A 195 17.52 -1.23 19.81
CA ALA A 195 18.35 -1.96 20.77
C ALA A 195 17.86 -3.41 20.84
N GLY A 196 18.78 -4.36 20.78
CA GLY A 196 18.38 -5.75 20.92
C GLY A 196 19.49 -6.75 20.71
N ASP A 197 19.16 -8.02 20.87
CA ASP A 197 20.09 -9.12 20.60
C ASP A 197 19.97 -9.52 19.13
N LEU A 198 20.39 -8.62 18.25
CA LEU A 198 20.17 -8.77 16.81
C LEU A 198 21.30 -9.55 16.15
N LYS A 199 20.95 -10.40 15.18
CA LYS A 199 21.94 -11.06 14.35
C LYS A 199 21.83 -10.49 12.96
N HIS A 200 22.90 -10.61 12.17
CA HIS A 200 22.88 -9.96 10.85
C HIS A 200 23.49 -10.78 9.73
N LEU A 201 23.14 -10.35 8.52
CA LEU A 201 23.90 -10.64 7.31
C LEU A 201 24.43 -9.30 6.80
N SER A 202 25.58 -9.31 6.15
CA SER A 202 26.10 -8.05 5.63
C SER A 202 26.83 -8.23 4.31
N ALA A 203 26.98 -7.12 3.61
CA ALA A 203 27.70 -7.09 2.34
C ALA A 203 28.26 -5.70 2.11
N THR A 204 29.18 -5.58 1.16
CA THR A 204 29.71 -4.29 0.78
C THR A 204 29.30 -3.96 -0.66
N TYR A 205 28.64 -2.81 -0.84
CA TYR A 205 28.28 -2.32 -2.15
C TYR A 205 29.23 -1.21 -2.54
N ILE A 206 29.70 -1.23 -3.79
CA ILE A 206 30.53 -0.15 -4.32
C ILE A 206 29.71 0.64 -5.33
N THR A 207 29.59 1.95 -5.11
CA THR A 207 28.70 2.76 -5.94
C THR A 207 29.25 2.94 -7.36
N LYS A 208 28.36 3.26 -8.29
CA LYS A 208 28.66 3.21 -9.72
C LYS A 208 29.67 4.26 -10.19
N TYR A 209 29.57 5.47 -9.66
CA TYR A 209 30.36 6.59 -10.19
C TYR A 209 31.45 7.05 -9.22
N THR A 210 31.08 7.25 -7.96
CA THR A 210 32.04 7.74 -6.98
C THR A 210 32.90 6.61 -6.43
N LYS A 211 32.46 5.37 -6.66
CA LYS A 211 33.18 4.17 -6.22
C LYS A 211 33.29 4.09 -4.70
N LYS A 212 32.33 4.69 -4.01
CA LYS A 212 32.29 4.65 -2.55
C LYS A 212 31.85 3.27 -2.04
N LYS A 213 32.52 2.78 -1.01
CA LYS A 213 32.12 1.53 -0.39
C LYS A 213 30.99 1.77 0.60
N VAL A 214 29.90 1.06 0.42
CA VAL A 214 28.77 1.15 1.34
C VAL A 214 28.58 -0.18 2.05
N GLU A 215 28.59 -0.15 3.38
CA GLU A 215 28.32 -1.34 4.17
C GLU A 215 26.82 -1.55 4.29
N LEU A 216 26.36 -2.72 3.88
CA LEU A 216 24.95 -3.08 3.99
C LEU A 216 24.75 -4.11 5.10
N TYR A 217 23.86 -3.81 6.04
CA TYR A 217 23.56 -4.75 7.11
C TYR A 217 22.06 -5.04 7.17
N VAL A 218 21.70 -6.30 7.33
CA VAL A 218 20.29 -6.67 7.52
C VAL A 218 20.18 -7.46 8.84
N PHE A 219 19.26 -7.04 9.71
CA PHE A 219 19.18 -7.55 11.07
C PHE A 219 17.86 -8.24 11.39
N SER A 220 17.90 -9.29 12.18
CA SER A 220 16.68 -9.85 12.77
C SER A 220 17.02 -10.50 14.10
N GLU A 221 16.00 -11.00 14.80
CA GLU A 221 16.27 -11.81 15.97
C GLU A 221 16.99 -13.06 15.50
N GLU A 222 17.73 -13.69 16.41
CA GLU A 222 18.56 -14.84 16.10
C GLU A 222 17.77 -15.99 15.46
N LYS A 223 16.54 -16.21 15.94
CA LYS A 223 15.69 -17.30 15.44
C LYS A 223 15.51 -17.28 13.92
N TYR A 224 15.44 -16.08 13.34
CA TYR A 224 15.06 -15.97 11.95
C TYR A 224 16.15 -15.40 11.05
N VAL A 225 17.40 -15.45 11.53
CA VAL A 225 18.51 -14.86 10.79
C VAL A 225 18.70 -15.54 9.42
N SER A 226 18.25 -16.78 9.29
CA SER A 226 18.36 -17.51 8.03
C SER A 226 17.32 -17.05 7.00
N LYS A 227 16.52 -16.05 7.35
CA LYS A 227 15.48 -15.55 6.44
C LYS A 227 15.85 -14.18 5.87
N LEU A 228 17.11 -13.79 6.05
CA LEU A 228 17.57 -12.45 5.71
C LEU A 228 18.13 -12.28 4.30
N GLN A 229 18.42 -13.38 3.61
CA GLN A 229 19.21 -13.30 2.39
C GLN A 229 18.51 -12.58 1.23
N TRP A 230 17.21 -12.82 1.05
CA TRP A 230 16.52 -12.22 -0.09
C TRP A 230 16.44 -10.71 0.08
N ALA A 231 16.23 -10.25 1.32
CA ALA A 231 16.21 -8.83 1.62
C ALA A 231 17.51 -8.14 1.21
N LEU A 232 18.63 -8.78 1.55
CA LEU A 232 19.94 -8.22 1.20
C LEU A 232 20.08 -8.12 -0.32
N GLU A 233 19.65 -9.17 -1.02
CA GLU A 233 19.70 -9.14 -2.48
C GLU A 233 18.83 -8.04 -3.05
N CYS A 234 17.63 -7.85 -2.49
CA CYS A 234 16.73 -6.80 -2.96
C CYS A 234 17.33 -5.40 -2.75
N LEU A 235 18.06 -5.23 -1.65
CA LEU A 235 18.68 -3.95 -1.35
C LEU A 235 19.74 -3.63 -2.40
N LYS A 236 20.59 -4.61 -2.70
CA LYS A 236 21.59 -4.46 -3.75
C LYS A 236 20.95 -4.13 -5.09
N LYS A 237 19.83 -4.78 -5.38
CA LYS A 237 19.10 -4.51 -6.63
C LYS A 237 18.54 -3.08 -6.67
N SER A 238 18.04 -2.61 -5.53
CA SER A 238 17.46 -1.27 -5.42
C SER A 238 18.51 -0.20 -5.66
N MET A 239 19.68 -0.41 -5.08
CA MET A 239 20.77 0.56 -5.20
C MET A 239 21.20 0.65 -6.64
N ALA A 240 21.33 -0.51 -7.28
CA ALA A 240 21.72 -0.58 -8.69
C ALA A 240 20.71 0.11 -9.60
N PHE A 241 19.43 -0.07 -9.30
CA PHE A 241 18.40 0.50 -10.14
C PHE A 241 18.38 2.01 -10.07
N ASP A 242 18.50 2.55 -8.86
CA ASP A 242 18.52 4.01 -8.72
C ASP A 242 19.75 4.56 -9.46
N GLU A 243 20.85 3.82 -9.42
CA GLU A 243 22.04 4.21 -10.18
C GLU A 243 21.81 4.16 -11.69
N ASP A 244 21.19 3.09 -12.17
CA ASP A 244 21.07 2.85 -13.61
C ASP A 244 19.97 3.67 -14.27
N TYR A 245 18.81 3.75 -13.61
CA TYR A 245 17.69 4.49 -14.18
C TYR A 245 17.84 5.99 -13.92
N PHE A 246 18.11 6.35 -12.66
CA PHE A 246 18.08 7.74 -12.26
C PHE A 246 19.46 8.39 -12.08
N GLY A 247 20.52 7.59 -12.12
CA GLY A 247 21.87 8.11 -11.93
C GLY A 247 22.15 8.55 -10.51
N LEU A 248 21.42 7.99 -9.55
CA LEU A 248 21.51 8.37 -8.14
C LEU A 248 22.23 7.33 -7.30
N GLU A 249 23.28 7.74 -6.59
CA GLU A 249 24.03 6.84 -5.72
C GLU A 249 23.75 7.12 -4.25
N TYR A 250 23.93 6.09 -3.42
CA TYR A 250 23.79 6.25 -1.98
C TYR A 250 24.94 7.08 -1.43
N ASP A 251 24.63 7.98 -0.50
CA ASP A 251 25.56 9.00 -0.04
C ASP A 251 26.16 8.74 1.34
N LEU A 252 25.70 7.69 2.02
CA LEU A 252 26.18 7.40 3.36
C LEU A 252 27.12 6.19 3.33
N SER A 253 27.84 5.94 4.42
CA SER A 253 28.82 4.86 4.40
C SER A 253 28.17 3.52 4.80
N ARG A 254 26.96 3.58 5.34
CA ARG A 254 26.32 2.37 5.84
C ARG A 254 24.80 2.49 5.77
N LEU A 255 24.14 1.38 5.47
CA LEU A 255 22.68 1.29 5.50
C LEU A 255 22.27 0.05 6.26
N ASN A 256 21.48 0.24 7.33
CA ASN A 256 20.93 -0.86 8.10
C ASN A 256 19.45 -1.08 7.84
N LEU A 257 19.07 -2.33 7.63
CA LEU A 257 17.65 -2.73 7.61
C LEU A 257 17.38 -3.64 8.81
N VAL A 258 16.32 -3.39 9.56
CA VAL A 258 16.04 -4.15 10.77
C VAL A 258 14.60 -4.69 10.76
N ALA A 259 14.43 -5.99 10.97
CA ALA A 259 13.09 -6.57 11.08
C ALA A 259 12.62 -6.65 12.52
N VAL A 260 11.40 -6.21 12.78
CA VAL A 260 10.77 -6.40 14.07
C VAL A 260 9.40 -7.05 13.88
N SER A 261 8.96 -7.78 14.89
CA SER A 261 7.72 -8.54 14.77
C SER A 261 6.45 -7.70 14.88
N ASP A 262 6.52 -6.60 15.62
CA ASP A 262 5.36 -5.73 15.86
C ASP A 262 5.54 -4.40 15.15
N PHE A 263 4.75 -4.18 14.10
CA PHE A 263 4.92 -2.96 13.30
C PHE A 263 3.57 -2.63 12.67
N ASN A 264 3.23 -1.33 12.64
CA ASN A 264 1.89 -0.95 12.18
C ASN A 264 1.73 -1.04 10.68
N VAL A 265 2.81 -0.84 9.95
CA VAL A 265 2.76 -0.80 8.48
C VAL A 265 3.81 -1.76 7.91
N GLY A 266 4.21 -1.55 6.66
CA GLY A 266 5.22 -2.42 6.07
C GLY A 266 6.65 -2.08 6.50
N ALA A 267 7.03 -0.81 6.39
CA ALA A 267 8.38 -0.40 6.83
C ALA A 267 8.50 1.12 6.92
N MET A 268 9.67 1.58 7.33
CA MET A 268 9.88 3.01 7.59
C MET A 268 11.29 3.40 7.18
N GLU A 269 11.41 4.54 6.49
CA GLU A 269 12.66 4.94 5.85
C GLU A 269 13.62 5.78 6.73
N ASN A 270 13.69 5.50 8.03
CA ASN A 270 14.63 6.26 8.87
C ASN A 270 16.03 6.27 8.28
N LYS A 271 16.65 7.44 8.28
CA LYS A 271 17.90 7.68 7.55
C LYS A 271 19.01 6.71 7.96
N GLY A 272 19.40 5.84 7.05
CA GLY A 272 20.46 4.87 7.31
C GLY A 272 20.06 3.73 8.24
N LEU A 273 18.80 3.74 8.67
CA LEU A 273 18.31 2.76 9.65
C LEU A 273 16.86 2.42 9.35
N ASN A 274 16.63 1.72 8.25
CA ASN A 274 15.27 1.41 7.83
C ASN A 274 14.72 0.28 8.68
N ILE A 275 13.49 0.45 9.17
CA ILE A 275 12.90 -0.53 10.07
C ILE A 275 11.66 -1.13 9.42
N PHE A 276 11.54 -2.44 9.50
CA PHE A 276 10.57 -3.20 8.72
C PHE A 276 9.69 -4.06 9.61
N ASN A 277 8.42 -4.14 9.26
CA ASN A 277 7.62 -5.29 9.63
C ASN A 277 8.36 -6.56 9.19
N ALA A 278 8.57 -7.50 10.11
CA ALA A 278 9.18 -8.78 9.75
C ALA A 278 8.54 -9.40 8.49
N ASN A 279 7.23 -9.25 8.30
CA ASN A 279 6.61 -9.89 7.13
C ASN A 279 6.96 -9.20 5.81
N SER A 280 7.69 -8.08 5.87
CA SER A 280 8.10 -7.42 4.64
C SER A 280 9.61 -7.35 4.51
N LEU A 281 10.33 -8.15 5.30
CA LEU A 281 11.78 -8.25 5.18
C LEU A 281 12.27 -9.70 5.16
N LEU A 282 11.59 -10.58 5.90
CA LEU A 282 12.06 -11.97 6.10
C LEU A 282 11.32 -12.99 5.23
N ALA A 283 12.07 -13.88 4.61
CA ALA A 283 11.50 -14.99 3.86
C ALA A 283 12.49 -16.13 3.75
N SER A 284 11.96 -17.34 3.60
CA SER A 284 12.75 -18.47 3.14
C SER A 284 11.80 -19.34 2.30
N LYS A 285 12.35 -20.15 1.40
CA LYS A 285 11.54 -20.96 0.50
C LYS A 285 10.67 -21.96 1.27
N LYS A 286 11.19 -22.47 2.38
CA LYS A 286 10.48 -23.46 3.17
C LYS A 286 9.38 -22.85 4.03
N ASN A 287 9.54 -21.60 4.43
CA ASN A 287 8.68 -21.00 5.44
C ASN A 287 7.90 -19.78 5.00
N SER A 288 7.89 -19.49 3.69
CA SER A 288 7.18 -18.33 3.18
C SER A 288 6.35 -18.68 1.95
N ILE A 289 5.20 -18.03 1.79
CA ILE A 289 4.47 -18.19 0.54
C ILE A 289 5.14 -17.30 -0.52
N ASP A 290 4.85 -17.60 -1.78
CA ASP A 290 5.45 -16.88 -2.90
C ASP A 290 5.29 -15.35 -2.81
N PHE A 291 4.13 -14.91 -2.34
CA PHE A 291 3.83 -13.48 -2.24
CA PHE A 291 3.82 -13.49 -2.22
C PHE A 291 4.91 -12.69 -1.49
N SER A 292 5.56 -13.33 -0.52
CA SER A 292 6.60 -12.66 0.27
C SER A 292 7.76 -12.12 -0.55
N TYR A 293 8.10 -12.79 -1.64
CA TYR A 293 9.27 -12.39 -2.42
C TYR A 293 9.04 -11.08 -3.16
N ALA A 294 7.89 -10.91 -3.81
CA ALA A 294 7.55 -9.61 -4.39
C ALA A 294 7.29 -8.56 -3.30
N ARG A 295 6.76 -8.97 -2.16
CA ARG A 295 6.50 -8.02 -1.07
C ARG A 295 7.81 -7.42 -0.54
N ILE A 296 8.81 -8.27 -0.30
CA ILE A 296 10.11 -7.79 0.22
C ILE A 296 10.82 -6.93 -0.82
N LEU A 297 10.77 -7.35 -2.08
CA LEU A 297 11.34 -6.56 -3.17
C LEU A 297 10.75 -5.14 -3.22
N THR A 298 9.43 -5.07 -3.11
CA THR A 298 8.73 -3.77 -3.12
CA THR A 298 8.71 -3.80 -3.11
C THR A 298 9.05 -2.93 -1.90
N VAL A 299 9.03 -3.52 -0.72
CA VAL A 299 9.16 -2.71 0.48
C VAL A 299 10.63 -2.31 0.70
N VAL A 300 11.56 -3.24 0.48
CA VAL A 300 12.97 -2.86 0.53
C VAL A 300 13.24 -1.77 -0.51
N GLY A 301 12.75 -1.96 -1.73
CA GLY A 301 12.97 -0.97 -2.77
C GLY A 301 12.37 0.37 -2.36
N HIS A 302 11.12 0.32 -1.91
CA HIS A 302 10.42 1.54 -1.49
C HIS A 302 11.22 2.35 -0.44
N GLU A 303 11.64 1.70 0.63
CA GLU A 303 12.35 2.45 1.67
C GLU A 303 13.69 2.95 1.14
N TYR A 304 14.31 2.20 0.23
CA TYR A 304 15.58 2.67 -0.32
C TYR A 304 15.38 3.91 -1.19
N PHE A 305 14.33 3.92 -2.02
CA PHE A 305 14.14 5.04 -2.93
C PHE A 305 13.76 6.32 -2.19
N HIS A 306 13.24 6.16 -0.97
CA HIS A 306 13.03 7.31 -0.09
C HIS A 306 14.30 8.09 0.21
N GLN A 307 15.46 7.46 0.06
CA GLN A 307 16.68 8.15 0.50
C GLN A 307 16.82 9.48 -0.27
N TYR A 308 16.44 9.47 -1.54
CA TYR A 308 16.33 10.71 -2.29
C TYR A 308 14.95 11.38 -2.18
N THR A 309 13.90 10.62 -2.47
CA THR A 309 12.56 11.20 -2.50
C THR A 309 11.89 11.05 -1.14
N GLY A 310 12.30 11.91 -0.22
CA GLY A 310 11.81 11.89 1.15
C GLY A 310 12.89 12.30 2.14
N ASN A 311 14.11 11.75 1.98
CA ASN A 311 15.16 11.97 3.00
C ASN A 311 16.12 13.08 2.59
N ARG A 312 16.47 13.14 1.30
CA ARG A 312 17.35 14.19 0.81
C ARG A 312 16.55 15.40 0.32
N VAL A 313 15.50 15.14 -0.45
CA VAL A 313 14.49 16.17 -0.70
C VAL A 313 13.34 15.88 0.27
N THR A 314 13.08 16.82 1.18
CA THR A 314 12.15 16.65 2.29
CA THR A 314 12.10 16.58 2.23
C THR A 314 10.81 17.36 2.02
N LEU A 315 9.82 17.08 2.87
CA LEU A 315 8.53 17.80 2.84
C LEU A 315 8.53 19.06 3.66
N ARG A 316 7.88 20.10 3.15
CA ARG A 316 7.70 21.33 3.91
C ARG A 316 6.74 21.12 5.08
N ASP A 317 5.71 20.33 4.82
CA ASP A 317 4.62 20.09 5.76
C ASP A 317 3.94 18.78 5.36
N TRP A 318 3.05 18.28 6.20
CA TRP A 318 2.50 16.96 5.94
C TRP A 318 1.47 16.95 4.81
N PHE A 319 1.00 18.12 4.37
CA PHE A 319 0.05 18.12 3.25
C PHE A 319 0.76 17.72 1.96
N GLN A 320 2.09 17.81 1.95
CA GLN A 320 2.86 17.40 0.78
C GLN A 320 3.18 15.90 0.80
N LEU A 321 2.53 15.12 1.67
CA LEU A 321 2.89 13.71 1.83
C LEU A 321 3.02 12.94 0.51
N THR A 322 2.10 13.20 -0.45
CA THR A 322 2.11 12.44 -1.70
C THR A 322 3.37 12.74 -2.51
N LEU A 323 3.97 13.92 -2.29
CA LEU A 323 5.24 14.23 -2.96
C LEU A 323 6.36 13.24 -2.65
N LYS A 324 6.40 12.72 -1.41
CA LYS A 324 7.38 11.66 -1.15
C LYS A 324 6.75 10.28 -1.30
N GLU A 325 5.46 10.12 -1.00
CA GLU A 325 4.89 8.77 -1.04
C GLU A 325 4.45 8.37 -2.45
N GLY A 326 3.70 9.22 -3.13
CA GLY A 326 3.31 8.88 -4.49
C GLY A 326 4.53 8.74 -5.37
N LEU A 327 5.54 9.57 -5.12
CA LEU A 327 6.71 9.54 -5.99
C LEU A 327 7.56 8.30 -5.70
N THR A 328 7.67 7.94 -4.43
CA THR A 328 8.46 6.77 -4.08
C THR A 328 7.75 5.48 -4.49
N VAL A 329 6.41 5.43 -4.38
CA VAL A 329 5.69 4.25 -4.89
C VAL A 329 5.92 4.12 -6.40
N HIS A 330 5.88 5.25 -7.12
CA HIS A 330 6.14 5.25 -8.56
C HIS A 330 7.55 4.73 -8.85
N ARG A 331 8.53 5.19 -8.09
CA ARG A 331 9.91 4.72 -8.27
C ARG A 331 10.03 3.22 -7.98
N GLU A 332 9.33 2.76 -6.94
CA GLU A 332 9.32 1.34 -6.62
C GLU A 332 8.61 0.51 -7.71
N ASN A 333 7.55 1.07 -8.29
CA ASN A 333 6.85 0.36 -9.38
C ASN A 333 7.75 0.18 -10.59
N LEU A 334 8.48 1.24 -10.96
CA LEU A 334 9.44 1.16 -12.06
C LEU A 334 10.47 0.07 -11.79
N PHE A 335 10.95 0.05 -10.55
CA PHE A 335 11.96 -0.90 -10.11
C PHE A 335 11.45 -2.35 -10.20
N SER A 336 10.27 -2.57 -9.63
CA SER A 336 9.69 -3.90 -9.57
C SER A 336 9.34 -4.41 -10.96
N GLU A 337 8.82 -3.53 -11.81
CA GLU A 337 8.55 -3.94 -13.19
C GLU A 337 9.84 -4.38 -13.91
N GLU A 338 10.93 -3.65 -13.68
CA GLU A 338 12.21 -4.00 -14.30
C GLU A 338 12.77 -5.30 -13.71
N MET A 339 12.56 -5.53 -12.42
CA MET A 339 13.14 -6.70 -11.76
C MET A 339 12.39 -8.01 -12.06
N THR A 340 11.07 -7.92 -12.14
CA THR A 340 10.26 -9.13 -12.29
C THR A 340 10.16 -9.52 -13.75
N LYS A 341 10.14 -8.53 -14.62
CA LYS A 341 9.97 -8.74 -16.06
C LYS A 341 8.69 -9.52 -16.37
N THR A 342 7.66 -9.32 -15.54
CA THR A 342 6.37 -9.96 -15.78
C THR A 342 5.30 -8.90 -15.94
N VAL A 343 4.37 -9.09 -16.88
CA VAL A 343 3.29 -8.10 -17.05
C VAL A 343 2.37 -8.05 -15.84
N THR A 344 2.34 -9.11 -15.03
CA THR A 344 1.44 -9.10 -13.89
C THR A 344 1.83 -8.11 -12.80
N THR A 345 3.07 -7.65 -12.80
CA THR A 345 3.48 -6.66 -11.82
C THR A 345 2.65 -5.37 -11.98
N ARG A 346 2.61 -4.84 -13.20
CA ARG A 346 1.80 -3.64 -13.46
C ARG A 346 0.32 -3.95 -13.28
N LEU A 347 -0.11 -5.12 -13.76
CA LEU A 347 -1.52 -5.47 -13.67
C LEU A 347 -1.96 -5.56 -12.22
N SER A 348 -1.11 -6.08 -11.35
CA SER A 348 -1.48 -6.20 -9.94
C SER A 348 -1.68 -4.83 -9.30
N HIS A 349 -0.87 -3.85 -9.70
CA HIS A 349 -1.01 -2.49 -9.19
CA HIS A 349 -1.02 -2.50 -9.15
C HIS A 349 -2.33 -1.86 -9.62
N VAL A 350 -2.65 -2.02 -10.90
CA VAL A 350 -3.89 -1.50 -11.45
C VAL A 350 -5.09 -2.17 -10.77
N ASP A 351 -4.98 -3.47 -10.55
CA ASP A 351 -6.06 -4.27 -9.96
C ASP A 351 -6.35 -3.75 -8.55
N LEU A 352 -5.31 -3.44 -7.81
CA LEU A 352 -5.47 -2.83 -6.49
C LEU A 352 -6.02 -1.42 -6.57
N LEU A 353 -5.51 -0.59 -7.48
CA LEU A 353 -6.02 0.78 -7.59
C LEU A 353 -7.54 0.82 -7.88
N ARG A 354 -7.97 0.04 -8.87
CA ARG A 354 -9.35 0.15 -9.35
C ARG A 354 -10.32 -0.55 -8.43
N SER A 355 -9.81 -1.33 -7.48
CA SER A 355 -10.69 -1.92 -6.49
C SER A 355 -10.66 -1.05 -5.24
N VAL A 356 -9.56 -1.10 -4.51
CA VAL A 356 -9.46 -0.43 -3.22
C VAL A 356 -9.44 1.10 -3.29
N GLN A 357 -8.66 1.67 -4.20
CA GLN A 357 -8.55 3.12 -4.21
C GLN A 357 -9.79 3.72 -4.87
N PHE A 358 -10.33 3.08 -5.90
CA PHE A 358 -11.56 3.66 -6.49
C PHE A 358 -12.69 3.64 -5.47
N LEU A 359 -12.75 2.58 -4.67
CA LEU A 359 -13.76 2.49 -3.62
C LEU A 359 -13.61 3.67 -2.66
N GLU A 360 -12.39 3.88 -2.18
CA GLU A 360 -12.13 5.03 -1.30
C GLU A 360 -12.53 6.34 -1.97
N ASP A 361 -12.22 6.49 -3.25
CA ASP A 361 -12.45 7.76 -3.93
C ASP A 361 -13.93 8.03 -4.23
N SER A 362 -14.78 7.03 -4.12
CA SER A 362 -16.23 7.27 -4.27
C SER A 362 -16.96 7.18 -2.91
N SER A 363 -16.19 7.01 -1.84
CA SER A 363 -16.73 6.89 -0.48
C SER A 363 -16.77 8.26 0.21
N PRO A 364 -17.42 8.35 1.39
CA PRO A 364 -17.40 9.64 2.11
C PRO A 364 -16.00 10.05 2.53
N LEU A 365 -15.05 9.12 2.47
CA LEU A 365 -13.67 9.39 2.85
C LEU A 365 -12.86 10.02 1.72
N SER A 366 -13.46 10.14 0.53
CA SER A 366 -12.75 10.68 -0.64
C SER A 366 -11.99 11.97 -0.34
N HIS A 367 -10.74 12.01 -0.79
CA HIS A 367 -9.87 13.18 -0.63
C HIS A 367 -8.93 13.26 -1.84
N PRO A 368 -8.45 14.48 -2.15
CA PRO A 368 -7.42 14.58 -3.20
C PRO A 368 -6.10 14.04 -2.68
N ILE A 369 -5.12 13.83 -3.56
CA ILE A 369 -3.87 13.26 -3.10
C ILE A 369 -3.11 14.29 -2.25
N ARG A 370 -3.45 15.57 -2.39
CA ARG A 370 -3.02 16.59 -1.43
C ARG A 370 -4.25 17.17 -0.73
N PRO A 371 -4.57 16.63 0.46
CA PRO A 371 -5.77 17.04 1.22
C PRO A 371 -5.71 18.49 1.66
N GLU A 372 -6.88 19.07 1.97
CA GLU A 372 -6.95 20.46 2.39
C GLU A 372 -6.88 20.59 3.91
N SER A 373 -7.19 19.51 4.62
CA SER A 373 -7.17 19.52 6.06
C SER A 373 -7.03 18.14 6.66
N TYR A 374 -6.61 18.09 7.91
CA TYR A 374 -6.59 16.84 8.68
C TYR A 374 -6.73 17.11 10.17
N VAL A 375 -7.22 16.12 10.90
CA VAL A 375 -7.19 16.13 12.36
C VAL A 375 -6.06 15.24 12.86
N SER A 376 -6.07 13.99 12.37
CA SER A 376 -5.02 13.04 12.69
C SER A 376 -4.24 12.68 11.42
N MET A 377 -2.97 13.04 11.37
CA MET A 377 -2.14 12.80 10.19
C MET A 377 -2.04 11.31 9.86
N GLU A 378 -2.17 10.47 10.88
CA GLU A 378 -2.09 9.05 10.69
C GLU A 378 -3.17 8.57 9.71
N ASN A 379 -4.32 9.25 9.73
CA ASN A 379 -5.43 8.81 8.91
C ASN A 379 -5.29 9.16 7.43
N PHE A 380 -4.23 9.86 7.06
CA PHE A 380 -4.10 10.19 5.64
C PHE A 380 -2.94 9.51 4.95
N TYR A 381 -2.38 8.47 5.57
CA TYR A 381 -1.52 7.52 4.87
C TYR A 381 -2.38 6.50 4.12
N THR A 382 -2.98 6.96 3.01
CA THR A 382 -4.07 6.24 2.37
C THR A 382 -3.68 5.73 1.01
N THR A 383 -4.46 4.77 0.51
CA THR A 383 -4.27 4.30 -0.84
C THR A 383 -4.44 5.45 -1.85
N THR A 384 -5.24 6.47 -1.53
CA THR A 384 -5.33 7.62 -2.43
C THR A 384 -3.98 8.34 -2.51
N VAL A 385 -3.47 8.74 -1.35
CA VAL A 385 -2.18 9.44 -1.31
C VAL A 385 -1.03 8.62 -1.89
N TYR A 386 -1.05 7.31 -1.62
CA TYR A 386 0.03 6.43 -2.09
C TYR A 386 -0.14 5.95 -3.53
N ASP A 387 -1.27 5.32 -3.80
CA ASP A 387 -1.44 4.62 -5.08
C ASP A 387 -2.02 5.52 -6.18
N LYS A 388 -3.00 6.36 -5.85
CA LYS A 388 -3.37 7.35 -6.86
C LYS A 388 -2.23 8.35 -7.00
N GLY A 389 -1.60 8.71 -5.89
CA GLY A 389 -0.40 9.54 -5.94
C GLY A 389 0.62 8.98 -6.92
N SER A 390 0.84 7.66 -6.87
CA SER A 390 1.83 7.04 -7.73
C SER A 390 1.41 7.08 -9.21
N GLU A 391 0.11 6.96 -9.48
CA GLU A 391 -0.38 7.08 -10.87
C GLU A 391 -0.21 8.50 -11.40
N VAL A 392 -0.42 9.51 -10.54
CA VAL A 392 -0.20 10.90 -10.93
C VAL A 392 1.28 11.13 -11.22
N MET A 393 2.15 10.52 -10.42
CA MET A 393 3.58 10.66 -10.67
C MET A 393 3.97 9.93 -11.96
N ARG A 394 3.33 8.79 -12.22
CA ARG A 394 3.60 8.02 -13.43
C ARG A 394 3.11 8.74 -14.69
N MET A 395 2.01 9.48 -14.61
CA MET A 395 1.52 10.17 -15.81
C MET A 395 2.55 11.18 -16.35
N TYR A 396 3.37 11.77 -15.48
CA TYR A 396 4.45 12.64 -15.98
C TYR A 396 5.38 11.89 -16.93
N LEU A 397 5.70 10.66 -16.55
CA LEU A 397 6.54 9.79 -17.37
C LEU A 397 5.84 9.43 -18.68
N THR A 398 4.55 9.15 -18.60
CA THR A 398 3.79 8.87 -19.83
C THR A 398 3.75 10.08 -20.76
N ILE A 399 3.54 11.25 -20.19
CA ILE A 399 3.46 12.48 -20.99
C ILE A 399 4.79 12.86 -21.60
N LEU A 400 5.88 12.71 -20.83
CA LEU A 400 7.19 13.19 -21.26
C LEU A 400 8.00 12.18 -22.05
N GLY A 401 7.74 10.90 -21.84
CA GLY A 401 8.62 9.87 -22.39
C GLY A 401 9.84 9.76 -21.49
N GLU A 402 10.55 8.64 -21.60
CA GLU A 402 11.62 8.31 -20.66
C GLU A 402 12.74 9.34 -20.61
N GLU A 403 13.20 9.82 -21.76
CA GLU A 403 14.34 10.72 -21.81
C GLU A 403 14.04 12.06 -21.15
N TYR A 404 12.90 12.66 -21.48
CA TYR A 404 12.57 13.96 -20.88
C TYR A 404 12.06 13.82 -19.45
N TYR A 405 11.51 12.66 -19.12
CA TYR A 405 11.13 12.41 -17.74
C TYR A 405 12.38 12.40 -16.85
N LYS A 406 13.40 11.67 -17.28
CA LYS A 406 14.63 11.62 -16.50
C LYS A 406 15.26 13.00 -16.39
N LYS A 407 15.08 13.83 -17.42
CA LYS A 407 15.62 15.19 -17.37
C LYS A 407 14.90 16.03 -16.34
N GLY A 408 13.57 15.93 -16.33
CA GLY A 408 12.77 16.68 -15.38
C GLY A 408 13.03 16.18 -13.96
N PHE A 409 13.18 14.87 -13.81
CA PHE A 409 13.39 14.30 -12.48
C PHE A 409 14.73 14.80 -11.93
N ASP A 410 15.73 14.88 -12.80
CA ASP A 410 17.04 15.35 -12.34
C ASP A 410 17.01 16.83 -12.00
N ILE A 411 16.22 17.60 -12.76
CA ILE A 411 16.03 19.01 -12.41
C ILE A 411 15.44 19.14 -11.00
N TYR A 412 14.47 18.27 -10.68
CA TYR A 412 13.85 18.30 -9.36
C TYR A 412 14.85 17.96 -8.26
N ILE A 413 15.65 16.91 -8.48
CA ILE A 413 16.61 16.49 -7.47
C ILE A 413 17.72 17.54 -7.28
N LYS A 414 18.26 18.04 -8.39
CA LYS A 414 19.39 18.96 -8.32
C LYS A 414 19.00 20.29 -7.68
N LYS A 415 17.75 20.70 -7.88
CA LYS A 415 17.30 21.98 -7.38
C LYS A 415 16.87 21.94 -5.91
N ASN A 416 16.39 20.79 -5.46
CA ASN A 416 15.78 20.70 -4.12
C ASN A 416 16.51 19.78 -3.14
N ASP A 417 17.62 19.20 -3.60
CA ASP A 417 18.44 18.34 -2.74
C ASP A 417 18.86 19.11 -1.50
N GLY A 418 18.63 18.53 -0.32
CA GLY A 418 19.02 19.18 0.92
C GLY A 418 18.02 20.21 1.42
N ASN A 419 16.94 20.40 0.67
CA ASN A 419 15.90 21.35 1.05
C ASN A 419 14.52 20.71 1.14
N THR A 420 13.58 21.43 1.75
CA THR A 420 12.18 21.01 1.80
C THR A 420 11.55 21.36 0.45
N ALA A 421 10.48 20.66 0.09
CA ALA A 421 9.80 20.96 -1.18
C ALA A 421 8.29 20.73 -1.08
N THR A 422 7.57 21.22 -2.07
CA THR A 422 6.12 21.06 -2.14
C THR A 422 5.76 20.44 -3.48
N CYS A 423 4.50 20.04 -3.65
CA CYS A 423 4.08 19.40 -4.90
C CYS A 423 4.32 20.32 -6.11
N GLU A 424 4.17 21.62 -5.90
CA GLU A 424 4.40 22.60 -6.96
C GLU A 424 5.83 22.60 -7.49
N ASP A 425 6.81 22.34 -6.61
CA ASP A 425 8.20 22.27 -7.03
C ASP A 425 8.43 21.12 -8.01
N PHE A 426 7.78 19.99 -7.74
CA PHE A 426 7.92 18.85 -8.64
C PHE A 426 7.27 19.16 -9.97
N ASN A 427 6.08 19.76 -9.92
CA ASN A 427 5.38 20.09 -11.15
C ASN A 427 6.21 21.06 -11.97
N TYR A 428 6.87 21.99 -11.28
CA TYR A 428 7.73 22.99 -11.91
C TYR A 428 8.86 22.34 -12.70
N ALA A 429 9.52 21.37 -12.09
CA ALA A 429 10.61 20.66 -12.74
C ALA A 429 10.12 19.86 -13.95
N MET A 430 8.96 19.24 -13.82
CA MET A 430 8.38 18.49 -14.94
C MET A 430 7.99 19.44 -16.05
N GLU A 431 7.47 20.61 -15.68
CA GLU A 431 7.08 21.62 -16.64
C GLU A 431 8.29 22.08 -17.48
N GLN A 432 9.46 22.21 -16.85
CA GLN A 432 10.66 22.61 -17.58
C GLN A 432 11.00 21.56 -18.63
N ALA A 433 10.82 20.29 -18.27
CA ALA A 433 11.04 19.21 -19.22
C ALA A 433 9.97 19.23 -20.32
N TYR A 434 8.74 19.59 -19.94
CA TYR A 434 7.63 19.65 -20.88
C TYR A 434 7.92 20.72 -21.94
N LYS A 435 8.46 21.85 -21.51
CA LYS A 435 8.86 22.92 -22.43
C LYS A 435 9.91 22.44 -23.42
N MET A 436 10.93 21.75 -22.90
CA MET A 436 12.00 21.21 -23.73
C MET A 436 11.46 20.19 -24.73
N LYS A 437 10.48 19.38 -24.32
CA LYS A 437 9.91 18.36 -25.19
C LYS A 437 9.07 18.97 -26.32
N LYS A 438 8.21 19.92 -25.97
CA LYS A 438 7.36 20.57 -26.97
C LYS A 438 8.13 21.61 -27.79
N ALA A 439 9.37 21.85 -27.37
CA ALA A 439 10.25 22.83 -28.01
C ALA A 439 9.62 24.22 -28.09
N ASP A 440 8.99 24.65 -27.00
CA ASP A 440 8.59 26.05 -26.84
C ASP A 440 8.33 26.41 -25.38
N ASN A 441 8.93 27.51 -24.94
CA ASN A 441 8.86 27.94 -23.55
C ASN A 441 7.49 28.48 -23.14
N SER A 442 6.53 28.41 -24.06
CA SER A 442 5.17 28.86 -23.76
C SER A 442 4.33 27.75 -23.14
N ALA A 443 4.73 26.50 -23.38
CA ALA A 443 4.01 25.35 -22.85
C ALA A 443 4.02 25.36 -21.33
N ASN A 444 2.95 24.88 -20.71
CA ASN A 444 2.90 24.81 -19.26
C ASN A 444 2.08 23.63 -18.78
N LEU A 445 2.28 23.30 -17.51
CA LEU A 445 1.55 22.21 -16.86
C LEU A 445 0.67 22.73 -15.73
N ASN A 446 0.15 23.94 -15.88
CA ASN A 446 -0.68 24.52 -14.83
C ASN A 446 -1.96 23.70 -14.59
N GLN A 447 -2.57 23.20 -15.67
CA GLN A 447 -3.77 22.36 -15.53
C GLN A 447 -3.46 21.07 -14.80
N TYR A 448 -2.23 20.59 -14.93
CA TYR A 448 -1.86 19.30 -14.34
C TYR A 448 -1.98 19.33 -12.81
N LEU A 449 -1.86 20.53 -12.23
CA LEU A 449 -1.93 20.67 -10.78
C LEU A 449 -3.29 20.24 -10.24
N LEU A 450 -4.30 20.22 -11.08
CA LEU A 450 -5.63 19.77 -10.64
C LEU A 450 -5.61 18.31 -10.16
N TRP A 451 -4.67 17.52 -10.66
CA TRP A 451 -4.52 16.16 -10.17
C TRP A 451 -4.18 16.09 -8.68
N PHE A 452 -3.59 17.17 -8.15
CA PHE A 452 -3.25 17.22 -6.72
C PHE A 452 -4.40 17.69 -5.84
N SER A 453 -5.29 18.50 -6.41
CA SER A 453 -6.30 19.21 -5.63
C SER A 453 -7.72 18.66 -5.82
N GLN A 454 -7.95 17.99 -6.95
CA GLN A 454 -9.31 17.51 -7.24
C GLN A 454 -9.48 16.05 -6.80
N SER A 455 -10.51 15.80 -5.99
CA SER A 455 -10.78 14.43 -5.55
C SER A 455 -11.70 13.73 -6.54
N GLY A 456 -11.85 12.41 -6.39
CA GLY A 456 -12.78 11.67 -7.23
C GLY A 456 -12.09 11.07 -8.45
N THR A 457 -12.70 10.03 -9.00
CA THR A 457 -12.17 9.33 -10.15
C THR A 457 -12.84 9.85 -11.42
N PRO A 458 -12.04 10.39 -12.37
CA PRO A 458 -12.68 10.80 -13.64
C PRO A 458 -13.24 9.63 -14.41
N HIS A 459 -14.29 9.89 -15.17
CA HIS A 459 -14.86 8.92 -16.10
C HIS A 459 -14.52 9.35 -17.51
N VAL A 460 -13.95 8.47 -18.30
CA VAL A 460 -13.59 8.83 -19.67
C VAL A 460 -14.34 7.90 -20.61
N SER A 461 -15.09 8.49 -21.54
CA SER A 461 -15.89 7.68 -22.45
C SER A 461 -15.60 8.04 -23.90
N PHE A 462 -15.96 7.13 -24.80
CA PHE A 462 -15.55 7.21 -26.19
C PHE A 462 -16.66 6.98 -27.18
N LYS A 463 -16.57 7.65 -28.32
CA LYS A 463 -17.34 7.29 -29.50
C LYS A 463 -16.42 7.30 -30.73
N TYR A 464 -16.77 6.53 -31.74
CA TYR A 464 -15.89 6.35 -32.89
C TYR A 464 -16.62 6.59 -34.20
N ASN A 465 -15.84 7.02 -35.18
CA ASN A 465 -16.36 7.11 -36.55
CA ASN A 465 -16.34 7.15 -36.54
C ASN A 465 -15.28 6.73 -37.55
N TYR A 466 -15.66 5.94 -38.54
CA TYR A 466 -14.74 5.57 -39.61
C TYR A 466 -15.37 5.85 -40.96
N ASP A 467 -14.65 6.59 -41.78
CA ASP A 467 -15.08 6.81 -43.16
C ASP A 467 -14.20 6.00 -44.10
N ALA A 468 -14.76 4.91 -44.63
CA ALA A 468 -13.98 3.95 -45.38
C ALA A 468 -13.45 4.54 -46.69
N GLU A 469 -14.21 5.47 -47.28
CA GLU A 469 -13.78 6.11 -48.52
C GLU A 469 -12.64 7.12 -48.28
N LYS A 470 -12.69 7.82 -47.15
CA LYS A 470 -11.67 8.82 -46.83
C LYS A 470 -10.46 8.22 -46.08
N LYS A 471 -10.58 6.96 -45.67
CA LYS A 471 -9.57 6.32 -44.82
C LYS A 471 -9.33 7.15 -43.56
N GLN A 472 -10.42 7.63 -42.97
CA GLN A 472 -10.33 8.60 -41.87
C GLN A 472 -11.05 8.08 -40.64
N TYR A 473 -10.33 8.05 -39.52
CA TYR A 473 -10.85 7.49 -38.28
C TYR A 473 -10.89 8.58 -37.21
N SER A 474 -11.96 8.59 -36.42
CA SER A 474 -12.15 9.59 -35.37
C SER A 474 -12.44 8.93 -34.04
N ILE A 475 -11.74 9.38 -33.00
CA ILE A 475 -12.01 8.98 -31.65
C ILE A 475 -12.55 10.21 -30.91
N HIS A 476 -13.81 10.16 -30.52
CA HIS A 476 -14.38 11.26 -29.74
CA HIS A 476 -14.41 11.24 -29.74
C HIS A 476 -14.34 10.89 -28.27
N VAL A 477 -13.73 11.76 -27.47
CA VAL A 477 -13.46 11.46 -26.07
C VAL A 477 -14.13 12.49 -25.19
N ASN A 478 -14.67 12.02 -24.07
CA ASN A 478 -15.35 12.87 -23.12
C ASN A 478 -14.83 12.55 -21.73
N GLN A 479 -14.64 13.55 -20.87
CA GLN A 479 -14.30 13.28 -19.49
C GLN A 479 -15.28 13.98 -18.54
N TYR A 480 -15.41 13.41 -17.35
CA TYR A 480 -16.38 13.89 -16.38
C TYR A 480 -15.96 13.39 -15.01
N THR A 481 -15.97 14.26 -14.01
CA THR A 481 -15.78 13.79 -12.63
C THR A 481 -17.01 14.17 -11.84
N LYS A 482 -17.58 13.20 -11.11
CA LYS A 482 -18.79 13.46 -10.34
C LYS A 482 -18.50 14.44 -9.21
N PRO A 483 -19.36 15.44 -9.03
CA PRO A 483 -19.23 16.33 -7.86
C PRO A 483 -19.26 15.53 -6.56
N ASP A 484 -18.55 16.01 -5.54
CA ASP A 484 -18.55 15.37 -4.24
C ASP A 484 -18.46 16.46 -3.17
N GLU A 485 -17.97 16.13 -1.99
CA GLU A 485 -17.94 17.11 -0.91
C GLU A 485 -16.74 18.05 -0.96
N ASN A 486 -15.77 17.73 -1.82
CA ASN A 486 -14.54 18.54 -1.94
C ASN A 486 -14.62 19.61 -3.02
N GLN A 487 -15.25 19.27 -4.14
CA GLN A 487 -15.52 20.24 -5.20
C GLN A 487 -16.95 20.11 -5.69
N LYS A 488 -17.66 21.23 -5.69
CA LYS A 488 -19.00 21.30 -6.26
C LYS A 488 -18.92 21.24 -7.78
N GLU A 489 -17.96 21.98 -8.33
CA GLU A 489 -17.72 21.97 -9.76
C GLU A 489 -16.36 21.35 -10.04
N LYS A 490 -16.36 20.24 -10.75
CA LYS A 490 -15.11 19.59 -11.12
C LYS A 490 -14.60 20.16 -12.43
N LYS A 491 -13.30 20.40 -12.51
CA LYS A 491 -12.72 20.95 -13.73
C LYS A 491 -12.13 19.81 -14.57
N PRO A 492 -12.04 19.99 -15.89
CA PRO A 492 -11.40 18.96 -16.73
C PRO A 492 -9.91 18.82 -16.40
N LEU A 493 -9.45 17.57 -16.36
CA LEU A 493 -8.05 17.27 -16.04
C LEU A 493 -7.20 17.13 -17.30
N PHE A 494 -5.88 17.21 -17.13
CA PHE A 494 -4.94 16.86 -18.17
C PHE A 494 -4.83 15.33 -18.21
N ILE A 495 -5.50 14.68 -19.16
CA ILE A 495 -5.52 13.22 -19.20
C ILE A 495 -4.75 12.65 -20.39
N PRO A 496 -3.64 11.95 -20.12
CA PRO A 496 -2.89 11.33 -21.23
C PRO A 496 -3.45 9.95 -21.58
N ILE A 497 -3.81 9.77 -22.85
CA ILE A 497 -4.43 8.54 -23.29
C ILE A 497 -3.50 7.83 -24.27
N SER A 498 -2.78 6.84 -23.76
CA SER A 498 -1.92 6.04 -24.61
CA SER A 498 -1.92 6.03 -24.60
C SER A 498 -2.79 5.13 -25.46
N VAL A 499 -2.64 5.23 -26.78
CA VAL A 499 -3.52 4.49 -27.67
C VAL A 499 -2.80 3.77 -28.81
N GLY A 500 -3.43 2.69 -29.26
CA GLY A 500 -3.00 2.02 -30.47
C GLY A 500 -4.26 1.79 -31.30
N LEU A 501 -4.06 1.45 -32.56
CA LEU A 501 -5.17 1.07 -33.42
C LEU A 501 -4.85 -0.30 -33.99
N ILE A 502 -5.68 -1.28 -33.69
CA ILE A 502 -5.43 -2.65 -34.12
C ILE A 502 -6.23 -2.96 -35.39
N ASN A 503 -5.55 -3.50 -36.40
CA ASN A 503 -6.22 -4.01 -37.59
C ASN A 503 -6.94 -5.31 -37.25
N PRO A 504 -8.28 -5.32 -37.37
CA PRO A 504 -9.03 -6.50 -36.93
C PRO A 504 -8.80 -7.71 -37.82
N GLU A 505 -8.29 -7.49 -39.04
CA GLU A 505 -8.07 -8.60 -39.96
C GLU A 505 -6.81 -9.38 -39.68
N ASN A 506 -5.78 -8.73 -39.14
CA ASN A 506 -4.51 -9.43 -38.91
C ASN A 506 -3.87 -9.17 -37.55
N GLY A 507 -4.53 -8.36 -36.72
CA GLY A 507 -4.05 -8.09 -35.37
C GLY A 507 -2.87 -7.15 -35.28
N LYS A 508 -2.52 -6.49 -36.38
CA LYS A 508 -1.33 -5.64 -36.41
C LYS A 508 -1.62 -4.21 -35.98
N GLU A 509 -0.57 -3.51 -35.52
CA GLU A 509 -0.65 -2.10 -35.18
C GLU A 509 -0.81 -1.29 -36.45
N MET A 510 -1.65 -0.27 -36.41
CA MET A 510 -1.86 0.54 -37.60
C MET A 510 -1.21 1.90 -37.49
N ILE A 511 -0.90 2.32 -36.26
CA ILE A 511 -0.18 3.58 -36.07
C ILE A 511 0.99 3.37 -35.12
N SER A 512 1.93 4.31 -35.15
CA SER A 512 3.02 4.33 -34.16
C SER A 512 2.53 4.75 -32.78
N GLN A 513 3.40 4.57 -31.79
CA GLN A 513 3.11 4.96 -30.41
C GLN A 513 2.53 6.36 -30.32
N THR A 514 1.39 6.48 -29.66
CA THR A 514 0.66 7.75 -29.63
C THR A 514 0.02 7.98 -28.28
N THR A 515 0.21 9.17 -27.72
CA THR A 515 -0.46 9.55 -26.50
C THR A 515 -1.31 10.78 -26.77
N LEU A 516 -2.62 10.58 -26.72
CA LEU A 516 -3.55 11.69 -26.89
C LEU A 516 -3.53 12.54 -25.63
N GLU A 517 -3.41 13.85 -25.78
CA GLU A 517 -3.46 14.70 -24.60
C GLU A 517 -4.83 15.35 -24.52
N LEU A 518 -5.70 14.80 -23.69
CA LEU A 518 -7.04 15.33 -23.51
C LEU A 518 -7.04 16.40 -22.43
N THR A 519 -7.27 17.65 -22.81
CA THR A 519 -7.18 18.73 -21.82
C THR A 519 -8.51 19.44 -21.64
N LYS A 520 -9.51 19.03 -22.43
CA LYS A 520 -10.80 19.69 -22.34
C LYS A 520 -11.85 18.68 -21.88
N GLU A 521 -13.08 19.16 -21.70
CA GLU A 521 -14.19 18.31 -21.30
C GLU A 521 -14.41 17.23 -22.36
N SER A 522 -14.17 17.60 -23.62
CA SER A 522 -14.25 16.64 -24.70
C SER A 522 -13.38 17.07 -25.86
N ASP A 523 -12.97 16.10 -26.67
CA ASP A 523 -12.19 16.39 -27.87
C ASP A 523 -12.41 15.31 -28.91
N THR A 524 -12.13 15.65 -30.16
CA THR A 524 -12.17 14.65 -31.23
C THR A 524 -10.77 14.51 -31.82
N PHE A 525 -10.27 13.28 -31.83
CA PHE A 525 -8.96 12.98 -32.41
C PHE A 525 -9.15 12.23 -33.70
N VAL A 526 -8.63 12.82 -34.78
CA VAL A 526 -8.83 12.30 -36.12
C VAL A 526 -7.51 11.72 -36.65
N PHE A 527 -7.59 10.57 -37.31
CA PHE A 527 -6.44 9.91 -37.89
C PHE A 527 -6.69 9.69 -39.37
N ASN A 528 -5.74 10.09 -40.20
CA ASN A 528 -5.85 9.89 -41.64
C ASN A 528 -5.07 8.68 -42.11
N ASN A 529 -5.35 8.24 -43.34
CA ASN A 529 -4.67 7.10 -43.93
C ASN A 529 -4.80 5.86 -43.04
N ILE A 530 -6.02 5.64 -42.57
CA ILE A 530 -6.35 4.44 -41.81
C ILE A 530 -7.09 3.51 -42.76
N ALA A 531 -6.43 2.42 -43.15
CA ALA A 531 -6.82 1.66 -44.33
C ALA A 531 -8.10 0.87 -44.14
N VAL A 532 -8.41 0.55 -42.90
CA VAL A 532 -9.54 -0.30 -42.60
C VAL A 532 -10.04 0.16 -41.24
N LYS A 533 -11.29 -0.14 -40.92
CA LYS A 533 -11.83 0.24 -39.61
C LYS A 533 -11.09 -0.48 -38.51
N PRO A 534 -10.47 0.28 -37.59
CA PRO A 534 -9.66 -0.34 -36.54
C PRO A 534 -10.47 -0.71 -35.30
N ILE A 535 -9.85 -1.50 -34.44
CA ILE A 535 -10.33 -1.62 -33.08
C ILE A 535 -9.36 -0.82 -32.23
N PRO A 536 -9.87 0.17 -31.47
CA PRO A 536 -8.96 1.00 -30.68
C PRO A 536 -8.52 0.33 -29.40
N SER A 537 -7.23 0.49 -29.11
CA SER A 537 -6.58 -0.04 -27.92
C SER A 537 -6.32 1.16 -27.01
N LEU A 538 -7.17 1.34 -26.01
CA LEU A 538 -7.22 2.60 -25.26
C LEU A 538 -6.65 2.53 -23.85
N PHE A 539 -5.92 3.57 -23.46
CA PHE A 539 -5.26 3.68 -22.16
C PHE A 539 -4.26 2.55 -21.93
N ARG A 540 -3.43 2.29 -22.95
CA ARG A 540 -2.41 1.26 -22.85
C ARG A 540 -1.56 1.50 -21.62
N GLY A 541 -1.25 0.41 -20.91
CA GLY A 541 -0.48 0.49 -19.67
C GLY A 541 -1.28 1.10 -18.52
N PHE A 542 -2.60 1.29 -18.74
CA PHE A 542 -3.48 2.07 -17.86
C PHE A 542 -2.91 3.46 -17.66
N SER A 543 -3.01 4.31 -18.69
CA SER A 543 -2.18 5.52 -18.70
C SER A 543 -2.75 6.69 -17.90
N ALA A 544 -3.94 6.53 -17.33
CA ALA A 544 -4.48 7.55 -16.43
C ALA A 544 -5.41 6.86 -15.45
N PRO A 545 -5.47 7.35 -14.21
CA PRO A 545 -6.28 6.70 -13.17
C PRO A 545 -7.75 7.08 -13.30
N VAL A 546 -8.45 6.41 -14.22
CA VAL A 546 -9.80 6.82 -14.58
C VAL A 546 -10.69 5.59 -14.77
N TYR A 547 -12.00 5.82 -14.68
CA TYR A 547 -12.97 4.84 -15.16
C TYR A 547 -12.98 4.89 -16.69
N ILE A 548 -12.67 3.77 -17.31
CA ILE A 548 -12.68 3.69 -18.77
C ILE A 548 -13.98 3.09 -19.29
N GLU A 549 -14.69 3.85 -20.12
CA GLU A 549 -15.87 3.35 -20.79
CA GLU A 549 -15.89 3.36 -20.80
C GLU A 549 -15.57 3.24 -22.30
N ASP A 550 -15.16 2.04 -22.77
CA ASP A 550 -14.58 1.92 -24.11
C ASP A 550 -15.62 1.87 -25.24
N GLN A 551 -16.90 1.77 -24.86
CA GLN A 551 -18.00 1.50 -25.80
C GLN A 551 -17.69 0.51 -26.89
N LEU A 552 -16.95 -0.52 -26.56
CA LEU A 552 -16.67 -1.55 -27.56
C LEU A 552 -17.64 -2.71 -27.42
N THR A 553 -17.93 -3.39 -28.53
CA THR A 553 -18.74 -4.60 -28.45
C THR A 553 -17.92 -5.72 -27.83
N ASP A 554 -18.59 -6.77 -27.38
CA ASP A 554 -17.85 -7.89 -26.83
C ASP A 554 -17.01 -8.57 -27.93
N GLU A 555 -17.51 -8.57 -29.17
CA GLU A 555 -16.71 -9.10 -30.28
C GLU A 555 -15.38 -8.35 -30.42
N GLU A 556 -15.43 -7.03 -30.33
CA GLU A 556 -14.22 -6.21 -30.43
C GLU A 556 -13.30 -6.45 -29.23
N ARG A 557 -13.88 -6.56 -28.06
CA ARG A 557 -13.11 -6.80 -26.85
C ARG A 557 -12.41 -8.15 -26.88
N ILE A 558 -13.10 -9.15 -27.42
CA ILE A 558 -12.49 -10.47 -27.57
C ILE A 558 -11.30 -10.40 -28.54
N LEU A 559 -11.42 -9.60 -29.59
CA LEU A 559 -10.32 -9.49 -30.54
C LEU A 559 -9.10 -8.84 -29.87
N LEU A 560 -9.33 -7.82 -29.05
CA LEU A 560 -8.24 -7.20 -28.30
C LEU A 560 -7.64 -8.18 -27.32
N LEU A 561 -8.50 -8.91 -26.62
CA LEU A 561 -8.04 -9.88 -25.63
C LEU A 561 -7.11 -10.90 -26.28
N LYS A 562 -7.44 -11.32 -27.50
CA LYS A 562 -6.60 -12.32 -28.16
C LYS A 562 -5.36 -11.71 -28.81
N TYR A 563 -5.49 -10.54 -29.43
CA TYR A 563 -4.45 -10.08 -30.35
C TYR A 563 -3.79 -8.72 -30.07
N ASP A 564 -4.29 -7.97 -29.09
CA ASP A 564 -3.67 -6.68 -28.78
C ASP A 564 -2.24 -6.89 -28.22
N SER A 565 -1.40 -5.88 -28.38
CA SER A 565 -0.01 -5.95 -27.90
C SER A 565 0.12 -5.52 -26.45
N ASP A 566 -0.87 -4.79 -25.95
CA ASP A 566 -0.73 -4.23 -24.62
C ASP A 566 -1.40 -5.06 -23.54
N ALA A 567 -0.64 -5.47 -22.53
CA ALA A 567 -1.18 -6.35 -21.48
C ALA A 567 -2.37 -5.74 -20.76
N PHE A 568 -2.29 -4.47 -20.38
CA PHE A 568 -3.42 -3.91 -19.66
C PHE A 568 -4.68 -3.86 -20.52
N VAL A 569 -4.57 -3.50 -21.80
CA VAL A 569 -5.80 -3.40 -22.60
C VAL A 569 -6.43 -4.78 -22.75
N ARG A 570 -5.59 -5.81 -22.86
CA ARG A 570 -6.12 -7.17 -22.99
C ARG A 570 -6.87 -7.55 -21.73
N TYR A 571 -6.22 -7.31 -20.59
CA TYR A 571 -6.78 -7.51 -19.26
C TYR A 571 -8.05 -6.69 -19.04
N ASN A 572 -8.04 -5.44 -19.49
CA ASN A 572 -9.21 -4.59 -19.30
C ASN A 572 -10.37 -5.03 -20.19
N SER A 573 -10.05 -5.50 -21.38
CA SER A 573 -11.10 -5.94 -22.28
C SER A 573 -11.80 -7.17 -21.68
N CYS A 574 -11.00 -8.09 -21.13
CA CYS A 574 -11.55 -9.22 -20.37
C CYS A 574 -12.41 -8.73 -19.20
N THR A 575 -11.86 -7.79 -18.43
CA THR A 575 -12.60 -7.20 -17.31
C THR A 575 -13.96 -6.66 -17.75
N ASN A 576 -13.96 -5.95 -18.89
CA ASN A 576 -15.18 -5.30 -19.38
C ASN A 576 -16.22 -6.32 -19.84
N ILE A 577 -15.76 -7.38 -20.48
CA ILE A 577 -16.65 -8.47 -20.88
C ILE A 577 -17.31 -9.06 -19.64
N TYR A 578 -16.49 -9.36 -18.64
CA TYR A 578 -17.00 -9.87 -17.38
C TYR A 578 -17.98 -8.90 -16.72
N MET A 579 -17.67 -7.61 -16.70
CA MET A 579 -18.56 -6.65 -16.03
C MET A 579 -19.93 -6.57 -16.70
N LYS A 580 -19.95 -6.61 -18.02
CA LYS A 580 -21.22 -6.55 -18.74
C LYS A 580 -22.07 -7.75 -18.35
N GLN A 581 -21.43 -8.91 -18.28
CA GLN A 581 -22.11 -10.15 -17.89
C GLN A 581 -22.58 -10.10 -16.44
N ILE A 582 -21.72 -9.64 -15.55
CA ILE A 582 -22.06 -9.54 -14.12
C ILE A 582 -23.26 -8.60 -13.91
N LEU A 583 -23.24 -7.43 -14.53
CA LEU A 583 -24.33 -6.48 -14.33
C LEU A 583 -25.65 -7.05 -14.86
N MET A 584 -25.59 -7.73 -16.01
CA MET A 584 -26.78 -8.31 -16.61
CA MET A 584 -26.79 -8.31 -16.59
C MET A 584 -27.36 -9.40 -15.71
N ASN A 585 -26.52 -10.36 -15.31
CA ASN A 585 -26.99 -11.44 -14.46
C ASN A 585 -27.42 -10.96 -13.07
N TYR A 586 -26.69 -10.00 -12.51
CA TYR A 586 -27.07 -9.43 -11.22
C TYR A 586 -28.51 -8.91 -11.27
N ASN A 587 -28.82 -8.15 -12.31
CA ASN A 587 -30.15 -7.56 -12.43
CA ASN A 587 -30.15 -7.56 -12.40
C ASN A 587 -31.23 -8.63 -12.63
N GLU A 588 -30.87 -9.71 -13.31
CA GLU A 588 -31.82 -10.81 -13.54
C GLU A 588 -32.11 -11.55 -12.23
N PHE A 589 -31.06 -11.82 -11.46
CA PHE A 589 -31.23 -12.42 -10.13
C PHE A 589 -32.00 -11.48 -9.19
N LEU A 590 -31.67 -10.19 -9.26
CA LEU A 590 -32.30 -9.19 -8.39
C LEU A 590 -33.80 -9.11 -8.64
N LYS A 591 -34.18 -9.13 -9.92
CA LYS A 591 -35.59 -9.08 -10.28
C LYS A 591 -36.34 -10.29 -9.78
N ALA A 592 -35.72 -11.47 -9.90
CA ALA A 592 -36.39 -12.71 -9.52
C ALA A 592 -36.61 -12.73 -8.01
N LYS A 593 -35.64 -12.21 -7.27
CA LYS A 593 -35.73 -12.08 -5.81
C LYS A 593 -36.82 -11.09 -5.43
N ASN A 594 -36.75 -9.90 -6.02
CA ASN A 594 -37.73 -8.84 -5.73
C ASN A 594 -39.14 -9.23 -6.09
N GLU A 595 -39.30 -9.90 -7.23
CA GLU A 595 -40.63 -10.25 -7.69
C GLU A 595 -41.08 -11.62 -7.21
N LYS A 596 -40.20 -12.30 -6.47
CA LYS A 596 -40.52 -13.62 -5.92
C LYS A 596 -40.92 -14.59 -7.02
N LEU A 597 -40.15 -14.61 -8.11
CA LEU A 597 -40.48 -15.42 -9.27
C LEU A 597 -40.31 -16.90 -9.01
N GLU A 598 -41.23 -17.70 -9.55
CA GLU A 598 -41.13 -19.15 -9.45
C GLU A 598 -40.21 -19.70 -10.53
N SER A 599 -40.01 -18.90 -11.58
CA SER A 599 -39.08 -19.27 -12.63
C SER A 599 -38.68 -18.03 -13.41
N PHE A 600 -37.52 -18.11 -14.07
CA PHE A 600 -36.97 -16.96 -14.77
C PHE A 600 -35.78 -17.42 -15.59
N GLN A 601 -35.29 -16.54 -16.45
CA GLN A 601 -34.16 -16.86 -17.30
C GLN A 601 -32.94 -16.05 -16.93
N LEU A 602 -31.78 -16.66 -17.12
CA LEU A 602 -30.50 -15.98 -16.99
C LEU A 602 -29.83 -15.95 -18.35
N THR A 603 -29.21 -14.82 -18.67
CA THR A 603 -28.43 -14.71 -19.90
C THR A 603 -27.11 -15.47 -19.76
N PRO A 604 -26.88 -16.45 -20.63
CA PRO A 604 -25.62 -17.19 -20.53
C PRO A 604 -24.38 -16.35 -20.84
N VAL A 605 -23.24 -16.83 -20.40
CA VAL A 605 -21.95 -16.23 -20.72
C VAL A 605 -21.71 -16.37 -22.23
N ASN A 606 -21.18 -15.32 -22.84
CA ASN A 606 -20.84 -15.29 -24.27
C ASN A 606 -19.96 -16.49 -24.63
N ALA A 607 -20.43 -17.32 -25.57
CA ALA A 607 -19.70 -18.54 -25.93
C ALA A 607 -18.36 -18.22 -26.59
N GLN A 608 -18.30 -17.12 -27.34
CA GLN A 608 -17.07 -16.75 -28.05
C GLN A 608 -16.03 -16.25 -27.04
N PHE A 609 -16.51 -15.66 -25.96
CA PHE A 609 -15.62 -15.27 -24.85
C PHE A 609 -15.02 -16.51 -24.19
N ILE A 610 -15.85 -17.51 -23.89
CA ILE A 610 -15.32 -18.73 -23.29
C ILE A 610 -14.31 -19.38 -24.24
N ASP A 611 -14.60 -19.35 -25.53
CA ASP A 611 -13.68 -19.90 -26.54
C ASP A 611 -12.34 -19.18 -26.56
N ALA A 612 -12.39 -17.88 -26.35
CA ALA A 612 -11.20 -17.04 -26.31
C ALA A 612 -10.35 -17.33 -25.09
N ILE A 613 -11.01 -17.51 -23.94
CA ILE A 613 -10.29 -17.93 -22.74
C ILE A 613 -9.57 -19.26 -23.00
N LYS A 614 -10.26 -20.22 -23.60
CA LYS A 614 -9.67 -21.51 -23.89
C LYS A 614 -8.48 -21.38 -24.84
N TYR A 615 -8.63 -20.55 -25.87
CA TYR A 615 -7.57 -20.27 -26.83
C TYR A 615 -6.29 -19.80 -26.13
N LEU A 616 -6.46 -18.84 -25.23
CA LEU A 616 -5.31 -18.27 -24.51
C LEU A 616 -4.71 -19.26 -23.51
N LEU A 617 -5.56 -19.99 -22.80
CA LEU A 617 -5.07 -20.97 -21.84
C LEU A 617 -4.25 -22.05 -22.53
N GLU A 618 -4.66 -22.41 -23.74
CA GLU A 618 -4.01 -23.49 -24.47
C GLU A 618 -2.79 -23.03 -25.25
N ASP A 619 -2.53 -21.73 -25.26
CA ASP A 619 -1.35 -21.21 -25.93
C ASP A 619 -0.12 -21.42 -25.05
N PRO A 620 0.78 -22.32 -25.47
CA PRO A 620 1.93 -22.59 -24.61
C PRO A 620 2.92 -21.44 -24.55
N HIS A 621 2.77 -20.44 -25.41
CA HIS A 621 3.68 -19.29 -25.40
C HIS A 621 3.06 -18.10 -24.68
N ALA A 622 1.84 -18.27 -24.18
CA ALA A 622 1.18 -17.22 -23.42
C ALA A 622 1.66 -17.23 -21.97
N ASP A 623 1.50 -16.10 -21.30
CA ASP A 623 2.04 -15.90 -19.96
C ASP A 623 1.13 -16.46 -18.87
N ALA A 624 1.71 -17.29 -17.99
CA ALA A 624 0.96 -17.93 -16.91
C ALA A 624 0.29 -16.93 -15.98
N GLY A 625 1.03 -15.88 -15.64
CA GLY A 625 0.48 -14.85 -14.78
C GLY A 625 -0.77 -14.23 -15.40
N PHE A 626 -0.68 -13.86 -16.67
CA PHE A 626 -1.81 -13.28 -17.39
C PHE A 626 -2.99 -14.27 -17.39
N LYS A 627 -2.70 -15.54 -17.66
CA LYS A 627 -3.72 -16.58 -17.67
C LYS A 627 -4.54 -16.61 -16.38
N SER A 628 -3.88 -16.46 -15.24
CA SER A 628 -4.59 -16.53 -13.96
C SER A 628 -5.56 -15.36 -13.80
N TYR A 629 -5.27 -14.24 -14.43
CA TYR A 629 -6.20 -13.11 -14.38
C TYR A 629 -7.44 -13.37 -15.21
N ILE A 630 -7.28 -13.99 -16.38
CA ILE A 630 -8.44 -14.09 -17.27
CA ILE A 630 -8.40 -14.15 -17.31
C ILE A 630 -9.48 -15.10 -16.77
N VAL A 631 -9.07 -16.06 -15.95
CA VAL A 631 -10.03 -17.04 -15.42
C VAL A 631 -10.64 -16.59 -14.08
N SER A 632 -10.27 -15.39 -13.66
CA SER A 632 -10.81 -14.83 -12.42
C SER A 632 -11.75 -13.67 -12.71
N LEU A 633 -12.92 -13.66 -12.06
CA LEU A 633 -13.83 -12.52 -12.20
C LEU A 633 -13.19 -11.31 -11.54
N PRO A 634 -13.62 -10.10 -11.95
CA PRO A 634 -13.14 -8.88 -11.28
C PRO A 634 -13.43 -8.94 -9.77
N GLN A 635 -12.53 -8.35 -8.99
CA GLN A 635 -12.67 -8.22 -7.54
C GLN A 635 -14.03 -7.66 -7.15
N ASP A 636 -14.59 -8.16 -6.05
CA ASP A 636 -15.85 -7.65 -5.52
C ASP A 636 -15.80 -6.13 -5.34
N ARG A 637 -14.70 -5.62 -4.80
CA ARG A 637 -14.59 -4.17 -4.59
C ARG A 637 -14.48 -3.38 -5.91
N TYR A 638 -14.07 -4.03 -6.99
CA TYR A 638 -14.15 -3.38 -8.30
C TYR A 638 -15.59 -3.34 -8.79
N ILE A 639 -16.25 -4.49 -8.68
CA ILE A 639 -17.65 -4.61 -9.11
C ILE A 639 -18.55 -3.61 -8.38
N ILE A 640 -18.33 -3.40 -7.09
CA ILE A 640 -19.27 -2.58 -6.32
CA ILE A 640 -19.22 -2.55 -6.27
C ILE A 640 -19.29 -1.12 -6.78
N ASN A 641 -18.24 -0.66 -7.43
CA ASN A 641 -18.24 0.70 -7.95
C ASN A 641 -19.26 0.90 -9.06
N PHE A 642 -19.87 -0.18 -9.53
CA PHE A 642 -20.81 -0.10 -10.65
C PHE A 642 -22.25 -0.47 -10.30
N VAL A 643 -22.50 -0.79 -9.03
CA VAL A 643 -23.84 -1.18 -8.60
C VAL A 643 -24.32 -0.35 -7.42
N SER A 644 -25.52 0.23 -7.53
CA SER A 644 -26.15 0.93 -6.41
C SER A 644 -26.90 -0.05 -5.53
N ASN A 645 -26.89 0.19 -4.22
CA ASN A 645 -27.67 -0.63 -3.30
C ASN A 645 -27.38 -2.10 -3.50
N LEU A 646 -26.09 -2.43 -3.57
CA LEU A 646 -25.70 -3.78 -3.96
C LEU A 646 -26.13 -4.81 -2.92
N ASP A 647 -26.89 -5.80 -3.38
CA ASP A 647 -27.29 -6.92 -2.55
C ASP A 647 -26.17 -7.96 -2.65
N THR A 648 -25.44 -8.18 -1.57
CA THR A 648 -24.23 -9.00 -1.66
C THR A 648 -24.56 -10.47 -1.94
N ASP A 649 -25.72 -10.92 -1.46
CA ASP A 649 -26.18 -12.27 -1.73
C ASP A 649 -26.45 -12.47 -3.20
N VAL A 650 -27.02 -11.45 -3.83
CA VAL A 650 -27.35 -11.55 -5.26
C VAL A 650 -26.05 -11.53 -6.03
N LEU A 651 -25.08 -10.73 -5.57
CA LEU A 651 -23.80 -10.71 -6.24
C LEU A 651 -23.10 -12.07 -6.09
N ALA A 652 -23.17 -12.66 -4.90
CA ALA A 652 -22.55 -13.97 -4.71
C ALA A 652 -23.19 -15.00 -5.65
N ASP A 653 -24.52 -14.95 -5.79
CA ASP A 653 -25.24 -15.83 -6.72
C ASP A 653 -24.83 -15.61 -8.17
N THR A 654 -24.60 -14.34 -8.50
CA THR A 654 -24.21 -13.96 -9.85
C THR A 654 -22.83 -14.52 -10.19
N LYS A 655 -21.87 -14.33 -9.28
CA LYS A 655 -20.53 -14.86 -9.48
C LYS A 655 -20.56 -16.39 -9.64
N GLU A 656 -21.32 -17.04 -8.77
CA GLU A 656 -21.47 -18.48 -8.79
C GLU A 656 -21.94 -18.96 -10.15
N TYR A 657 -22.97 -18.28 -10.67
CA TYR A 657 -23.53 -18.65 -11.97
C TYR A 657 -22.48 -18.53 -13.06
N ILE A 658 -21.78 -17.40 -13.09
CA ILE A 658 -20.84 -17.14 -14.17
C ILE A 658 -19.65 -18.10 -14.10
N TYR A 659 -19.12 -18.34 -12.90
CA TYR A 659 -18.04 -19.30 -12.74
C TYR A 659 -18.48 -20.72 -13.17
N LYS A 660 -19.71 -21.08 -12.85
CA LYS A 660 -20.19 -22.41 -13.20
C LYS A 660 -20.40 -22.56 -14.71
N GLN A 661 -20.87 -21.49 -15.34
CA GLN A 661 -21.01 -21.44 -16.81
C GLN A 661 -19.68 -21.70 -17.52
N ILE A 662 -18.66 -20.98 -17.08
CA ILE A 662 -17.35 -21.10 -17.72
C ILE A 662 -16.73 -22.46 -17.40
N GLY A 663 -16.84 -22.87 -16.14
CA GLY A 663 -16.34 -24.18 -15.72
C GLY A 663 -17.00 -25.35 -16.41
N ASP A 664 -18.31 -25.27 -16.64
CA ASP A 664 -19.01 -26.33 -17.37
C ASP A 664 -18.39 -26.56 -18.75
N LYS A 665 -17.81 -25.51 -19.31
CA LYS A 665 -17.16 -25.64 -20.61
C LYS A 665 -15.65 -25.93 -20.52
N LEU A 666 -14.98 -25.37 -19.52
CA LEU A 666 -13.51 -25.39 -19.51
C LEU A 666 -12.82 -26.26 -18.45
N ASN A 667 -13.58 -26.92 -17.59
CA ASN A 667 -12.97 -27.66 -16.47
C ASN A 667 -11.95 -28.72 -16.93
N ASP A 668 -12.24 -29.42 -18.02
CA ASP A 668 -11.27 -30.41 -18.52
C ASP A 668 -9.98 -29.73 -18.97
N VAL A 669 -10.12 -28.56 -19.57
CA VAL A 669 -8.95 -27.75 -19.94
C VAL A 669 -8.19 -27.32 -18.70
N TYR A 670 -8.91 -26.81 -17.71
CA TYR A 670 -8.33 -26.45 -16.41
C TYR A 670 -7.52 -27.60 -15.80
N TYR A 671 -8.12 -28.79 -15.80
CA TYR A 671 -7.49 -29.95 -15.18
C TYR A 671 -6.25 -30.36 -15.93
N LYS A 672 -6.35 -30.40 -17.25
CA LYS A 672 -5.22 -30.75 -18.10
C LYS A 672 -4.05 -29.81 -17.86
N MET A 673 -4.35 -28.52 -17.71
CA MET A 673 -3.32 -27.54 -17.49
C MET A 673 -2.73 -27.64 -16.09
N PHE A 674 -3.59 -27.84 -15.10
CA PHE A 674 -3.11 -28.05 -13.74
C PHE A 674 -2.06 -29.16 -13.72
N LYS A 675 -2.31 -30.22 -14.47
CA LYS A 675 -1.38 -31.35 -14.49
C LYS A 675 -0.12 -31.02 -15.29
N SER A 676 -0.26 -30.38 -16.44
CA SER A 676 0.91 -30.19 -17.30
C SER A 676 1.86 -29.13 -16.76
N LEU A 677 1.33 -28.22 -15.95
CA LEU A 677 2.14 -27.15 -15.37
C LEU A 677 3.00 -27.60 -14.18
N GLU A 678 2.71 -28.77 -13.64
CA GLU A 678 3.33 -29.22 -12.39
C GLU A 678 4.86 -29.24 -12.44
N ALA A 679 5.39 -29.87 -13.50
CA ALA A 679 6.84 -30.05 -13.64
C ALA A 679 7.59 -28.73 -13.47
N LYS A 680 7.24 -27.73 -14.28
CA LYS A 680 7.93 -26.44 -14.21
C LYS A 680 7.54 -25.62 -12.99
N ALA A 681 6.27 -25.66 -12.61
CA ALA A 681 5.81 -24.81 -11.53
C ALA A 681 6.47 -25.18 -10.21
N ASP A 682 6.61 -26.49 -9.96
CA ASP A 682 7.07 -26.95 -8.65
C ASP A 682 8.50 -27.44 -8.66
N ASP A 683 9.24 -27.09 -9.72
CA ASP A 683 10.67 -27.44 -9.81
C ASP A 683 11.42 -27.05 -8.53
N LEU A 684 12.16 -28.01 -7.97
CA LEU A 684 12.86 -27.80 -6.71
C LEU A 684 14.36 -27.49 -6.85
N THR A 685 14.84 -27.36 -8.09
CA THR A 685 16.26 -27.14 -8.38
C THR A 685 16.91 -26.07 -7.48
N TYR A 686 16.19 -24.96 -7.28
CA TYR A 686 16.77 -23.85 -6.53
C TYR A 686 16.07 -23.63 -5.19
N PHE A 687 15.42 -24.67 -4.68
CA PHE A 687 14.66 -24.55 -3.43
C PHE A 687 15.55 -24.18 -2.23
N ASN A 688 16.82 -24.58 -2.26
CA ASN A 688 17.72 -24.21 -1.17
C ASN A 688 18.70 -23.10 -1.52
N ASP A 689 18.39 -22.37 -2.60
CA ASP A 689 19.14 -21.17 -2.94
C ASP A 689 18.24 -19.97 -2.71
N GLU A 690 18.42 -19.27 -1.59
CA GLU A 690 17.54 -18.17 -1.25
C GLU A 690 17.69 -16.93 -2.13
N SER A 691 18.76 -16.87 -2.92
CA SER A 691 18.98 -15.70 -3.77
CA SER A 691 18.98 -15.70 -3.77
C SER A 691 18.41 -15.92 -5.16
N HIS A 692 17.92 -17.13 -5.43
CA HIS A 692 17.37 -17.44 -6.73
C HIS A 692 15.86 -17.30 -6.71
N VAL A 693 15.35 -16.23 -7.29
CA VAL A 693 13.90 -16.02 -7.30
C VAL A 693 13.41 -15.90 -8.74
N ASP A 694 12.45 -16.73 -9.09
CA ASP A 694 11.98 -16.85 -10.45
C ASP A 694 10.52 -16.44 -10.48
N PHE A 695 10.25 -15.21 -10.91
CA PHE A 695 8.91 -14.70 -10.85
C PHE A 695 7.99 -15.37 -11.87
N ASP A 696 8.54 -15.85 -12.98
CA ASP A 696 7.72 -16.61 -13.91
C ASP A 696 7.25 -17.92 -13.31
N GLN A 697 8.13 -18.60 -12.59
CA GLN A 697 7.76 -19.87 -11.97
C GLN A 697 6.72 -19.66 -10.88
N MET A 698 6.86 -18.60 -10.10
CA MET A 698 5.85 -18.27 -9.10
C MET A 698 4.50 -17.98 -9.76
N ASN A 699 4.51 -17.35 -10.93
CA ASN A 699 3.27 -17.14 -11.68
C ASN A 699 2.64 -18.45 -12.16
N MET A 700 3.47 -19.42 -12.51
CA MET A 700 2.95 -20.74 -12.87
C MET A 700 2.27 -21.39 -11.67
N ARG A 701 2.84 -21.20 -10.48
CA ARG A 701 2.21 -21.73 -9.28
C ARG A 701 0.90 -21.00 -8.97
N THR A 702 0.89 -19.68 -9.19
CA THR A 702 -0.35 -18.91 -9.04
C THR A 702 -1.44 -19.48 -9.94
N LEU A 703 -1.09 -19.76 -11.19
CA LEU A 703 -2.06 -20.30 -12.13
C LEU A 703 -2.56 -21.66 -11.67
N ARG A 704 -1.65 -22.55 -11.30
CA ARG A 704 -2.05 -23.87 -10.83
C ARG A 704 -2.99 -23.80 -9.64
N ASN A 705 -2.68 -22.91 -8.70
CA ASN A 705 -3.48 -22.79 -7.49
C ASN A 705 -4.82 -22.13 -7.75
N THR A 706 -4.85 -21.25 -8.76
CA THR A 706 -6.10 -20.65 -9.21
C THR A 706 -7.00 -21.71 -9.88
N LEU A 707 -6.42 -22.51 -10.76
CA LEU A 707 -7.16 -23.57 -11.43
C LEU A 707 -7.64 -24.60 -10.42
N LEU A 708 -6.79 -24.92 -9.44
CA LEU A 708 -7.16 -25.92 -8.46
C LEU A 708 -8.36 -25.46 -7.64
N SER A 709 -8.40 -24.18 -7.30
CA SER A 709 -9.55 -23.61 -6.61
C SER A 709 -10.83 -23.72 -7.45
N LEU A 710 -10.74 -23.38 -8.74
CA LEU A 710 -11.88 -23.51 -9.64
C LEU A 710 -12.37 -24.97 -9.73
N LEU A 711 -11.44 -25.91 -9.89
CA LEU A 711 -11.81 -27.32 -10.01
C LEU A 711 -12.37 -27.88 -8.70
N SER A 712 -11.89 -27.36 -7.57
CA SER A 712 -12.39 -27.84 -6.27
C SER A 712 -13.80 -27.35 -6.01
N LYS A 713 -14.03 -26.07 -6.24
CA LYS A 713 -15.36 -25.51 -6.07
C LYS A 713 -16.34 -26.28 -6.96
N ALA A 714 -15.89 -26.63 -8.16
CA ALA A 714 -16.73 -27.34 -9.13
C ALA A 714 -16.91 -28.82 -8.81
N GLN A 715 -16.22 -29.30 -7.78
CA GLN A 715 -16.29 -30.71 -7.41
C GLN A 715 -15.95 -31.60 -8.61
N TYR A 716 -14.93 -31.19 -9.37
CA TYR A 716 -14.42 -31.95 -10.50
C TYR A 716 -14.09 -33.37 -10.07
N PRO A 717 -14.44 -34.39 -10.88
CA PRO A 717 -14.27 -35.78 -10.45
C PRO A 717 -12.86 -36.09 -9.93
N ASN A 718 -12.81 -36.61 -8.70
CA ASN A 718 -11.57 -37.07 -8.06
C ASN A 718 -10.53 -35.98 -7.81
N ILE A 719 -10.96 -34.71 -7.80
CA ILE A 719 -10.00 -33.62 -7.58
C ILE A 719 -9.42 -33.67 -6.16
N LEU A 720 -10.12 -34.33 -5.25
CA LEU A 720 -9.64 -34.45 -3.88
C LEU A 720 -8.31 -35.17 -3.83
N ASN A 721 -8.10 -36.10 -4.76
CA ASN A 721 -6.81 -36.76 -4.88
C ASN A 721 -5.70 -35.76 -5.18
N GLU A 722 -5.99 -34.82 -6.07
CA GLU A 722 -5.02 -33.78 -6.41
C GLU A 722 -4.77 -32.89 -5.21
N ILE A 723 -5.83 -32.56 -4.48
CA ILE A 723 -5.73 -31.71 -3.32
C ILE A 723 -4.80 -32.33 -2.28
N ILE A 724 -4.96 -33.63 -2.04
CA ILE A 724 -4.14 -34.34 -1.05
C ILE A 724 -2.67 -34.38 -1.46
N GLU A 725 -2.40 -34.67 -2.73
CA GLU A 725 -1.03 -34.68 -3.23
C GLU A 725 -0.42 -33.30 -3.10
N HIS A 726 -1.24 -32.29 -3.40
CA HIS A 726 -0.81 -30.89 -3.34
C HIS A 726 -0.34 -30.51 -1.93
N SER A 727 -0.99 -31.06 -0.91
CA SER A 727 -0.67 -30.72 0.47
C SER A 727 0.72 -31.25 0.89
N LYS A 728 1.32 -32.09 0.05
CA LYS A 728 2.61 -32.69 0.35
C LYS A 728 3.75 -31.95 -0.33
N SER A 729 3.40 -30.94 -1.12
CA SER A 729 4.39 -30.06 -1.74
C SER A 729 5.25 -29.33 -0.71
N PRO A 730 6.56 -29.17 -1.00
CA PRO A 730 7.50 -28.36 -0.21
C PRO A 730 7.13 -26.85 -0.17
N TYR A 731 6.44 -26.36 -1.19
CA TYR A 731 6.10 -24.93 -1.27
C TYR A 731 4.86 -24.55 -0.48
N PRO A 732 5.03 -23.66 0.51
CA PRO A 732 3.89 -23.21 1.33
C PRO A 732 2.75 -22.62 0.49
N SER A 733 3.04 -21.93 -0.61
CA SER A 733 1.97 -21.46 -1.47
C SER A 733 1.08 -22.63 -1.88
N ASN A 734 1.71 -23.77 -2.16
CA ASN A 734 0.95 -24.96 -2.53
C ASN A 734 0.23 -25.63 -1.37
N TRP A 735 0.95 -25.92 -0.28
CA TRP A 735 0.26 -26.67 0.78
C TRP A 735 -0.71 -25.79 1.57
N LEU A 736 -0.56 -24.46 1.52
CA LEU A 736 -1.59 -23.60 2.10
C LEU A 736 -2.80 -23.51 1.17
N THR A 737 -2.57 -23.53 -0.14
CA THR A 737 -3.67 -23.61 -1.10
C THR A 737 -4.46 -24.89 -0.88
N SER A 738 -3.77 -25.99 -0.55
CA SER A 738 -4.48 -27.26 -0.40
C SER A 738 -5.46 -27.16 0.77
N LEU A 739 -5.09 -26.43 1.82
CA LEU A 739 -6.02 -26.15 2.92
C LEU A 739 -7.27 -25.38 2.45
N SER A 740 -7.09 -24.25 1.77
CA SER A 740 -8.28 -23.47 1.41
C SER A 740 -9.17 -24.17 0.37
N VAL A 741 -8.59 -24.89 -0.59
CA VAL A 741 -9.47 -25.55 -1.57
C VAL A 741 -10.10 -26.80 -0.98
N SER A 742 -9.53 -27.33 0.10
CA SER A 742 -10.13 -28.50 0.74
C SER A 742 -11.37 -28.13 1.54
N ALA A 743 -11.65 -26.83 1.63
CA ALA A 743 -12.86 -26.35 2.30
C ALA A 743 -14.12 -27.02 1.77
N TYR A 744 -14.11 -27.36 0.48
CA TYR A 744 -15.28 -27.94 -0.17
C TYR A 744 -15.37 -29.47 0.02
N PHE A 745 -14.53 -30.01 0.90
CA PHE A 745 -14.51 -31.45 1.15
C PHE A 745 -14.48 -31.81 2.62
N ASP A 746 -14.72 -33.10 2.90
CA ASP A 746 -14.76 -33.61 4.27
C ASP A 746 -13.36 -33.66 4.91
N LYS A 747 -12.33 -33.47 4.11
CA LYS A 747 -10.95 -33.55 4.60
C LYS A 747 -10.40 -32.23 5.14
N TYR A 748 -11.23 -31.19 5.18
CA TYR A 748 -10.76 -29.86 5.53
C TYR A 748 -10.05 -29.83 6.88
N PHE A 749 -10.69 -30.35 7.91
CA PHE A 749 -10.09 -30.23 9.24
C PHE A 749 -8.88 -31.12 9.41
N GLU A 750 -8.75 -32.14 8.56
CA GLU A 750 -7.52 -32.92 8.56
C GLU A 750 -6.39 -32.09 7.97
N LEU A 751 -6.68 -31.32 6.93
CA LEU A 751 -5.63 -30.48 6.35
C LEU A 751 -5.39 -29.27 7.23
N TYR A 752 -6.43 -28.83 7.93
CA TYR A 752 -6.33 -27.78 8.94
C TYR A 752 -5.27 -28.13 9.96
N ASP A 753 -5.39 -29.33 10.52
CA ASP A 753 -4.43 -29.82 11.52
C ASP A 753 -3.05 -30.02 10.92
N LYS A 754 -2.98 -30.65 9.75
CA LYS A 754 -1.69 -30.89 9.11
C LYS A 754 -0.93 -29.60 8.84
N THR A 755 -1.60 -28.62 8.24
CA THR A 755 -0.93 -27.40 7.85
C THR A 755 -0.60 -26.55 9.08
N TYR A 756 -1.41 -26.65 10.12
CA TYR A 756 -1.09 -25.97 11.38
C TYR A 756 0.22 -26.47 11.95
N LYS A 757 0.38 -27.79 11.99
CA LYS A 757 1.61 -28.39 12.50
C LYS A 757 2.80 -27.90 11.68
N LEU A 758 2.62 -27.76 10.37
CA LEU A 758 3.69 -27.24 9.52
C LEU A 758 3.99 -25.76 9.74
N SER A 759 2.99 -25.00 10.19
CA SER A 759 3.13 -23.55 10.30
C SER A 759 3.50 -23.02 11.70
N LYS A 760 3.19 -23.78 12.73
CA LYS A 760 3.16 -23.22 14.08
C LYS A 760 4.51 -22.76 14.63
N ASP A 761 5.61 -23.26 14.06
CA ASP A 761 6.94 -22.98 14.62
C ASP A 761 7.68 -21.86 13.90
N ASP A 762 7.01 -21.19 12.97
CA ASP A 762 7.56 -19.99 12.34
C ASP A 762 6.55 -18.88 12.50
N GLU A 763 6.93 -17.80 13.16
CA GLU A 763 5.99 -16.71 13.46
C GLU A 763 5.23 -16.20 12.23
N LEU A 764 5.96 -15.98 11.15
CA LEU A 764 5.37 -15.39 9.96
C LEU A 764 4.55 -16.43 9.20
N LEU A 765 5.03 -17.66 9.14
CA LEU A 765 4.28 -18.72 8.48
C LEU A 765 2.95 -19.00 9.17
N LEU A 766 2.95 -18.96 10.51
CA LEU A 766 1.71 -19.16 11.25
C LEU A 766 0.70 -18.06 10.91
N GLN A 767 1.19 -16.85 10.70
CA GLN A 767 0.31 -15.76 10.32
C GLN A 767 -0.29 -15.99 8.92
N GLU A 768 0.50 -16.56 8.00
CA GLU A 768 -0.04 -16.92 6.68
C GLU A 768 -1.06 -18.04 6.83
N TRP A 769 -0.82 -18.98 7.75
CA TRP A 769 -1.79 -20.02 8.01
C TRP A 769 -3.11 -19.39 8.49
N LEU A 770 -2.99 -18.45 9.42
CA LEU A 770 -4.16 -17.75 9.94
C LEU A 770 -4.98 -17.07 8.83
N LYS A 771 -4.28 -16.41 7.90
CA LYS A 771 -4.97 -15.81 6.76
C LYS A 771 -5.71 -16.86 5.92
N THR A 772 -5.07 -18.01 5.73
CA THR A 772 -5.63 -19.07 4.90
C THR A 772 -6.92 -19.60 5.52
N VAL A 773 -6.89 -19.80 6.83
CA VAL A 773 -8.05 -20.25 7.56
C VAL A 773 -9.14 -19.18 7.48
N SER A 774 -8.78 -17.94 7.78
CA SER A 774 -9.72 -16.81 7.76
C SER A 774 -10.44 -16.69 6.41
N ARG A 775 -9.70 -16.96 5.35
CA ARG A 775 -10.25 -16.78 4.00
CA ARG A 775 -10.15 -16.81 3.97
C ARG A 775 -10.91 -18.03 3.45
N SER A 776 -10.89 -19.12 4.23
CA SER A 776 -11.50 -20.39 3.79
C SER A 776 -13.01 -20.30 3.53
N ASP A 777 -13.44 -20.86 2.40
CA ASP A 777 -14.85 -20.79 2.03
C ASP A 777 -15.65 -21.86 2.79
N ARG A 778 -15.90 -21.59 4.07
CA ARG A 778 -16.56 -22.54 4.96
C ARG A 778 -17.91 -22.02 5.47
N LYS A 779 -18.92 -22.89 5.46
CA LYS A 779 -20.22 -22.52 5.99
C LYS A 779 -20.10 -22.27 7.49
N ASP A 780 -19.20 -23.00 8.13
CA ASP A 780 -18.98 -22.89 9.56
C ASP A 780 -17.84 -21.93 9.92
N ILE A 781 -17.60 -20.93 9.08
CA ILE A 781 -16.47 -20.01 9.27
C ILE A 781 -16.55 -19.23 10.60
N TYR A 782 -17.76 -18.95 11.09
CA TYR A 782 -17.86 -18.22 12.36
C TYR A 782 -17.40 -19.08 13.53
N GLU A 783 -17.71 -20.36 13.50
CA GLU A 783 -17.23 -21.28 14.52
C GLU A 783 -15.72 -21.46 14.42
N ILE A 784 -15.22 -21.52 13.18
CA ILE A 784 -13.79 -21.57 12.96
C ILE A 784 -13.06 -20.34 13.50
N LEU A 785 -13.61 -19.15 13.27
CA LEU A 785 -12.98 -17.94 13.79
C LEU A 785 -12.91 -17.96 15.31
N LYS A 786 -13.98 -18.45 15.94
CA LYS A 786 -13.99 -18.52 17.39
C LYS A 786 -12.89 -19.48 17.87
N LYS A 787 -12.66 -20.53 17.09
CA LYS A 787 -11.62 -21.50 17.40
CA LYS A 787 -11.61 -21.50 17.41
C LYS A 787 -10.23 -20.86 17.30
N LEU A 788 -10.03 -20.05 16.25
CA LEU A 788 -8.77 -19.33 16.09
C LEU A 788 -8.53 -18.39 17.26
N GLU A 789 -9.58 -17.70 17.68
CA GLU A 789 -9.48 -16.80 18.82
C GLU A 789 -9.06 -17.53 20.09
N ASN A 790 -9.66 -18.69 20.35
CA ASN A 790 -9.42 -19.38 21.60
C ASN A 790 -8.11 -20.14 21.63
N GLU A 791 -7.70 -20.68 20.49
CA GLU A 791 -6.55 -21.59 20.45
C GLU A 791 -5.25 -20.96 19.96
N VAL A 792 -5.33 -19.91 19.15
CA VAL A 792 -4.13 -19.37 18.53
C VAL A 792 -3.93 -17.88 18.78
N LEU A 793 -4.93 -17.08 18.43
CA LEU A 793 -4.81 -15.63 18.55
C LEU A 793 -4.78 -15.17 20.00
N LYS A 794 -5.79 -15.57 20.76
CA LYS A 794 -5.96 -15.20 22.16
C LYS A 794 -5.91 -13.68 22.34
N ASP A 795 -5.16 -13.20 23.33
CA ASP A 795 -5.09 -11.78 23.60
C ASP A 795 -3.86 -11.10 22.98
N SER A 796 -3.31 -11.70 21.92
CA SER A 796 -2.19 -11.09 21.19
C SER A 796 -2.47 -9.64 20.82
N LYS A 797 -1.48 -8.77 21.00
CA LYS A 797 -1.57 -7.39 20.58
C LYS A 797 -0.73 -7.16 19.33
N ASN A 798 -0.20 -8.25 18.76
CA ASN A 798 0.58 -8.17 17.53
C ASN A 798 -0.37 -7.86 16.38
N PRO A 799 -0.17 -6.70 15.72
CA PRO A 799 -1.07 -6.33 14.62
C PRO A 799 -1.06 -7.34 13.48
N ASN A 800 0.08 -7.98 13.21
CA ASN A 800 0.11 -9.03 12.21
C ASN A 800 -0.86 -10.17 12.54
N ASP A 801 -0.95 -10.54 13.82
CA ASP A 801 -1.84 -11.63 14.24
C ASP A 801 -3.29 -11.23 14.07
N ILE A 802 -3.64 -10.06 14.61
CA ILE A 802 -5.01 -9.56 14.55
C ILE A 802 -5.47 -9.37 13.11
N ARG A 803 -4.62 -8.74 12.29
CA ARG A 803 -4.99 -8.53 10.89
C ARG A 803 -5.15 -9.84 10.13
N ALA A 804 -4.30 -10.83 10.43
CA ALA A 804 -4.36 -12.12 9.75
C ALA A 804 -5.66 -12.88 10.05
N VAL A 805 -6.11 -12.84 11.29
CA VAL A 805 -7.34 -13.54 11.69
C VAL A 805 -8.59 -12.91 11.08
N TYR A 806 -8.63 -11.58 11.00
CA TYR A 806 -9.91 -10.94 10.71
C TYR A 806 -10.06 -10.37 9.30
N LEU A 807 -9.02 -9.78 8.73
CA LEU A 807 -9.21 -9.07 7.46
C LEU A 807 -9.61 -9.99 6.30
N PRO A 808 -8.96 -11.16 6.15
CA PRO A 808 -9.37 -11.99 5.02
C PRO A 808 -10.84 -12.42 5.11
N PHE A 809 -11.28 -12.79 6.31
CA PHE A 809 -12.68 -13.12 6.51
C PHE A 809 -13.61 -12.01 6.04
N THR A 810 -13.23 -10.74 6.23
CA THR A 810 -14.14 -9.66 5.84
C THR A 810 -14.35 -9.60 4.34
N ASN A 811 -13.54 -10.32 3.58
CA ASN A 811 -13.75 -10.38 2.14
C ASN A 811 -14.63 -11.55 1.70
N ASN A 812 -15.06 -12.35 2.67
CA ASN A 812 -16.03 -13.41 2.41
C ASN A 812 -17.40 -12.78 2.10
N LEU A 813 -17.71 -12.67 0.82
CA LEU A 813 -18.88 -11.93 0.36
C LEU A 813 -20.17 -12.46 0.96
N ARG A 814 -20.34 -13.77 0.96
CA ARG A 814 -21.58 -14.35 1.46
C ARG A 814 -21.66 -14.37 3.00
N ARG A 815 -20.52 -14.56 3.67
CA ARG A 815 -20.57 -14.80 5.12
C ARG A 815 -20.33 -13.55 5.99
N PHE A 816 -19.36 -12.72 5.61
CA PHE A 816 -19.14 -11.49 6.37
C PHE A 816 -20.38 -10.62 6.29
N HIS A 817 -21.05 -10.64 5.14
CA HIS A 817 -22.22 -9.81 4.93
C HIS A 817 -23.52 -10.55 5.28
N ASP A 818 -23.42 -11.53 6.18
CA ASP A 818 -24.59 -12.25 6.68
C ASP A 818 -25.68 -11.27 7.11
N ILE A 819 -26.91 -11.50 6.66
CA ILE A 819 -27.99 -10.52 6.83
C ILE A 819 -28.34 -10.26 8.29
N SER A 820 -27.94 -11.15 9.19
CA SER A 820 -28.14 -10.93 10.61
C SER A 820 -27.29 -9.77 11.12
N GLY A 821 -26.25 -9.44 10.37
CA GLY A 821 -25.29 -8.42 10.77
C GLY A 821 -24.24 -8.96 11.74
N LYS A 822 -24.18 -10.28 11.90
CA LYS A 822 -23.27 -10.88 12.87
C LYS A 822 -21.81 -10.61 12.54
N GLY A 823 -21.49 -10.52 11.24
CA GLY A 823 -20.13 -10.23 10.82
C GLY A 823 -19.72 -8.79 11.09
N TYR A 824 -20.63 -7.86 10.84
CA TYR A 824 -20.39 -6.47 11.18
C TYR A 824 -20.19 -6.32 12.68
N LYS A 825 -20.98 -7.06 13.45
CA LYS A 825 -20.93 -7.01 14.91
C LYS A 825 -19.57 -7.45 15.39
N LEU A 826 -19.10 -8.54 14.78
CA LEU A 826 -17.86 -9.16 15.17
C LEU A 826 -16.68 -8.24 14.91
N ILE A 827 -16.60 -7.65 13.71
CA ILE A 827 -15.45 -6.81 13.39
CA ILE A 827 -15.45 -6.82 13.39
C ILE A 827 -15.49 -5.51 14.18
N ALA A 828 -16.70 -5.00 14.45
CA ALA A 828 -16.82 -3.80 15.28
C ALA A 828 -16.33 -4.06 16.71
N GLU A 829 -16.60 -5.25 17.23
CA GLU A 829 -16.08 -5.62 18.55
C GLU A 829 -14.55 -5.65 18.53
N VAL A 830 -13.99 -6.21 17.47
CA VAL A 830 -12.54 -6.29 17.32
C VAL A 830 -11.92 -4.90 17.20
N ILE A 831 -12.56 -4.02 16.43
CA ILE A 831 -12.06 -2.65 16.27
C ILE A 831 -12.01 -1.91 17.60
N THR A 832 -13.10 -1.99 18.35
CA THR A 832 -13.19 -1.33 19.64
C THR A 832 -12.16 -1.89 20.63
N LYS A 833 -12.00 -3.20 20.62
CA LYS A 833 -11.03 -3.86 21.49
C LYS A 833 -9.61 -3.42 21.13
N THR A 834 -9.30 -3.42 19.84
CA THR A 834 -7.98 -3.03 19.36
C THR A 834 -7.70 -1.54 19.62
N ASP A 835 -8.72 -0.70 19.48
CA ASP A 835 -8.57 0.75 19.65
C ASP A 835 -8.11 1.13 21.06
N LYS A 836 -8.32 0.25 22.04
CA LYS A 836 -7.85 0.51 23.40
C LYS A 836 -6.32 0.59 23.48
N PHE A 837 -5.62 -0.09 22.58
CA PHE A 837 -4.16 -0.11 22.65
C PHE A 837 -3.44 0.30 21.36
N ASN A 838 -4.12 0.20 20.21
CA ASN A 838 -3.50 0.60 18.95
C ASN A 838 -4.51 1.23 17.98
N PRO A 839 -4.73 2.54 18.11
CA PRO A 839 -5.71 3.24 17.28
C PRO A 839 -5.43 3.15 15.78
N MET A 840 -4.16 3.14 15.39
CA MET A 840 -3.83 3.03 13.97
C MET A 840 -4.34 1.71 13.40
N VAL A 841 -4.08 0.60 14.08
CA VAL A 841 -4.54 -0.70 13.57
C VAL A 841 -6.07 -0.80 13.70
N ALA A 842 -6.65 -0.15 14.71
CA ALA A 842 -8.11 -0.17 14.80
C ALA A 842 -8.72 0.49 13.57
N THR A 843 -8.10 1.56 13.09
CA THR A 843 -8.60 2.23 11.90
C THR A 843 -8.42 1.33 10.66
N GLN A 844 -7.32 0.58 10.60
CA GLN A 844 -7.14 -0.37 9.52
C GLN A 844 -8.24 -1.43 9.50
N LEU A 845 -8.66 -1.86 10.69
CA LEU A 845 -9.67 -2.90 10.77
C LEU A 845 -11.05 -2.38 10.36
N CYS A 846 -11.19 -1.06 10.22
CA CYS A 846 -12.46 -0.46 9.74
C CYS A 846 -12.68 -0.61 8.24
N GLU A 847 -11.68 -1.12 7.53
CA GLU A 847 -11.73 -1.14 6.06
C GLU A 847 -13.04 -1.69 5.46
N PRO A 848 -13.57 -2.82 5.98
CA PRO A 848 -14.80 -3.32 5.36
C PRO A 848 -15.97 -2.34 5.40
N PHE A 849 -15.96 -1.42 6.37
CA PHE A 849 -17.05 -0.46 6.49
C PHE A 849 -16.99 0.64 5.42
N LYS A 850 -15.90 0.71 4.65
CA LYS A 850 -15.72 1.84 3.75
C LYS A 850 -16.79 1.89 2.67
N LEU A 851 -17.36 0.73 2.31
CA LEU A 851 -18.39 0.70 1.27
C LEU A 851 -19.82 0.70 1.84
N TRP A 852 -19.98 1.09 3.10
CA TRP A 852 -21.27 0.89 3.78
C TRP A 852 -22.43 1.51 3.03
N ASN A 853 -22.24 2.66 2.42
CA ASN A 853 -23.38 3.34 1.81
C ASN A 853 -23.60 2.88 0.37
N LYS A 854 -22.87 1.86 -0.05
CA LYS A 854 -23.07 1.27 -1.38
C LYS A 854 -23.93 0.03 -1.36
N LEU A 855 -24.29 -0.45 -0.17
CA LEU A 855 -24.98 -1.74 -0.06
C LEU A 855 -26.48 -1.56 -0.06
N ASP A 856 -27.20 -2.68 -0.09
CA ASP A 856 -28.65 -2.65 0.05
C ASP A 856 -29.07 -1.99 1.36
N THR A 857 -30.30 -1.48 1.38
CA THR A 857 -30.76 -0.67 2.50
CA THR A 857 -30.80 -0.68 2.49
C THR A 857 -30.68 -1.37 3.85
N LYS A 858 -30.91 -2.68 3.88
CA LYS A 858 -30.82 -3.40 5.15
C LYS A 858 -29.38 -3.49 5.67
N ARG A 859 -28.45 -3.83 4.79
CA ARG A 859 -27.07 -3.95 5.22
C ARG A 859 -26.46 -2.58 5.52
N GLN A 860 -26.89 -1.54 4.80
CA GLN A 860 -26.48 -0.18 5.12
C GLN A 860 -26.81 0.16 6.56
N GLU A 861 -28.03 -0.17 6.97
CA GLU A 861 -28.51 0.10 8.31
C GLU A 861 -27.71 -0.68 9.36
N LEU A 862 -27.46 -1.96 9.08
CA LEU A 862 -26.69 -2.79 9.99
C LEU A 862 -25.27 -2.23 10.20
N MET A 863 -24.60 -1.88 9.11
CA MET A 863 -23.26 -1.32 9.21
C MET A 863 -23.25 0.01 9.94
N LEU A 864 -24.19 0.88 9.58
CA LEU A 864 -24.28 2.20 10.20
C LEU A 864 -24.53 2.07 11.70
N ASN A 865 -25.37 1.11 12.11
CA ASN A 865 -25.61 0.88 13.54
CA ASN A 865 -25.61 0.92 13.53
C ASN A 865 -24.34 0.53 14.28
N GLU A 866 -23.50 -0.30 13.66
CA GLU A 866 -22.27 -0.74 14.31
C GLU A 866 -21.27 0.40 14.39
N MET A 867 -21.20 1.21 13.34
CA MET A 867 -20.31 2.36 13.37
C MET A 867 -20.75 3.38 14.41
N ASN A 868 -22.06 3.61 14.54
CA ASN A 868 -22.55 4.54 15.55
C ASN A 868 -22.29 3.98 16.95
N THR A 869 -22.40 2.67 17.09
CA THR A 869 -22.05 2.02 18.36
C THR A 869 -20.57 2.26 18.72
N MET A 870 -19.69 2.02 17.76
CA MET A 870 -18.26 2.30 17.95
C MET A 870 -18.03 3.77 18.30
N LEU A 871 -18.74 4.67 17.64
CA LEU A 871 -18.56 6.11 17.85
C LEU A 871 -18.97 6.53 19.26
N GLN A 872 -19.87 5.78 19.88
CA GLN A 872 -20.36 6.17 21.19
CA GLN A 872 -20.38 6.12 21.19
C GLN A 872 -19.54 5.55 22.33
N GLU A 873 -18.48 4.81 22.00
CA GLU A 873 -17.61 4.26 23.04
C GLU A 873 -16.89 5.41 23.75
N PRO A 874 -17.04 5.50 25.08
CA PRO A 874 -16.48 6.63 25.82
C PRO A 874 -14.98 6.79 25.66
N GLN A 875 -14.28 5.68 25.46
CA GLN A 875 -12.81 5.72 25.42
C GLN A 875 -12.23 5.72 24.00
N ILE A 876 -13.06 6.03 23.00
CA ILE A 876 -12.61 6.01 21.60
C ILE A 876 -11.43 6.97 21.37
N SER A 877 -10.44 6.50 20.62
CA SER A 877 -9.27 7.29 20.28
C SER A 877 -9.64 8.43 19.36
N ASN A 878 -8.77 9.45 19.30
CA ASN A 878 -8.95 10.52 18.34
C ASN A 878 -8.89 10.01 16.91
N ASN A 879 -7.96 9.12 16.62
CA ASN A 879 -7.82 8.59 15.27
C ASN A 879 -9.08 7.87 14.81
N LEU A 880 -9.63 7.02 15.65
CA LEU A 880 -10.79 6.24 15.25
C LEU A 880 -12.05 7.12 15.16
N LYS A 881 -12.21 8.05 16.11
CA LYS A 881 -13.35 8.96 16.10
C LYS A 881 -13.38 9.80 14.81
N GLU A 882 -12.26 10.42 14.44
CA GLU A 882 -12.19 11.22 13.23
C GLU A 882 -12.53 10.39 12.00
N TYR A 883 -11.97 9.18 11.95
CA TYR A 883 -12.19 8.29 10.82
C TYR A 883 -13.67 7.93 10.66
N LEU A 884 -14.31 7.53 11.76
CA LEU A 884 -15.71 7.13 11.69
C LEU A 884 -16.65 8.32 11.50
N LEU A 885 -16.29 9.46 12.08
CA LEU A 885 -17.04 10.69 11.82
C LEU A 885 -17.04 11.04 10.34
N ARG A 886 -15.88 10.99 9.69
CA ARG A 886 -15.81 11.26 8.25
C ARG A 886 -16.52 10.19 7.44
N LEU A 887 -16.35 8.93 7.81
CA LEU A 887 -16.96 7.84 7.05
C LEU A 887 -18.48 7.85 7.11
N THR A 888 -19.03 8.27 8.24
CA THR A 888 -20.49 8.30 8.41
C THR A 888 -21.08 9.68 8.15
N ASN A 889 -20.32 10.55 7.50
CA ASN A 889 -20.79 11.90 7.15
C ASN A 889 -21.28 12.75 8.32
N LYS A 890 -20.92 12.34 9.55
CA LYS A 890 -21.34 13.05 10.75
C LYS A 890 -20.28 14.06 11.19
C4 4S9 B . 4.25 4.14 6.03
C5 4S9 B . 4.61 3.34 4.80
C6 4S9 B . 4.85 1.10 4.15
C11 4S9 B . 5.78 3.99 4.11
C7 4S9 B . 4.55 0.61 1.76
C8 4S9 B . 3.98 1.36 0.57
C9 4S9 B . 6.00 0.31 1.44
C10 4S9 B . 3.80 -0.70 1.96
C12 4S9 B . 2.92 4.32 6.28
C13 4S9 B . 2.52 5.06 7.38
N1 4S9 B . 4.90 2.01 5.14
N2 4S9 B . 7.04 3.59 4.31
C3 4S9 B . 5.24 4.71 6.84
BR1 4S9 B . 2.90 6.63 9.69
C1 4S9 B . 3.48 5.61 8.19
C2 4S9 B . 4.84 5.45 7.94
O1 4S9 B . 4.36 1.47 2.87
O2 4S9 B . 5.27 -0.01 4.39
O3 4S9 B . 5.59 4.91 3.33
O4 4S9 B . 8.04 4.32 3.56
ZN ZN C . 7.05 5.55 1.96
C1 GOL D . 27.46 -1.57 -11.00
O1 GOL D . 27.63 -0.18 -11.21
C2 GOL D . 25.99 -1.92 -11.10
O2 GOL D . 25.46 -2.19 -9.81
C3 GOL D . 25.23 -0.78 -11.79
O3 GOL D . 24.70 0.17 -10.88
C1 GOL E . -0.96 3.18 2.07
O1 GOL E . -1.99 2.63 1.27
C2 GOL E . -0.59 2.18 3.16
O2 GOL E . 0.62 2.57 3.80
C3 GOL E . -0.49 0.78 2.58
O3 GOL E . 0.18 0.82 1.34
MG MG F . 4.14 -13.31 18.37
P PO4 G . -6.22 4.38 6.63
O1 PO4 G . -4.80 4.14 6.17
O2 PO4 G . -6.67 3.24 7.50
O3 PO4 G . -7.13 4.49 5.42
O4 PO4 G . -6.28 5.67 7.41
#